data_9ECD
#
_entry.id   9ECD
#
_cell.length_a   1.00
_cell.length_b   1.00
_cell.length_c   1.00
_cell.angle_alpha   90.00
_cell.angle_beta   90.00
_cell.angle_gamma   90.00
#
_symmetry.space_group_name_H-M   'P 1'
#
loop_
_entity.id
_entity.type
_entity.pdbx_description
1 polymer EsCas13d
2 polymer crRNA
3 polymer 'Target RNA'
4 non-polymer 'MAGNESIUM ION'
#
loop_
_entity_poly.entity_id
_entity_poly.type
_entity_poly.pdbx_seq_one_letter_code
_entity_poly.pdbx_strand_id
1 'polypeptide(L)'
;MGKKIHARDLREQRKTDRTEKFADQNKKREAERAVPKKDAAVSVKSVSSVSSKKDNVTKSMAKAAGVKSVFAVGNTVYMT
SFGRGNDAVLEQKIVDTSHEPLNIDDPAYQLNVVTMNGYSVTGHRGETVSAVTDNPLRRFNGRKKDEPEQSVPTDMLCLK
PTLEKKFFGKEFDDNIHIQLIYNILDIEKILAVYSTNAIYALNNMSADENIENSDFFMKRTTDETFDDFEKKKESTNSRE
KADFDAFEKFIGNYRLAYFADAFYVNKKNPKGKAKNVLREDKELYSVLTLIGKLRHWCVHSEEGRAEFWLYKLDELKDDF
KNVLDVVYNRPVEEINNRFIENNKVNIQILGSVYKNTDIAELVRSYYEFLITKKYKNMGFSIKKLRESMLEGKGYADKEY
DSVRNKLYQMTDFILYTGYINEDSDRADDLVNTLRSSLKEDDKTTVYCKEADYLWKKYRESIREVADALDGDNIKKLSKS
NIEIQEDKLRKCFISYADSVSEFTKLIYLLTRFLSGKEINDLVTTLINKFDNIRSFLEIMDELGLDRTFTAEYSFFEGST
KYLAELVELNSFVKSCSFDINAKRTMYRDALDILGIESDKTEEDIEKMIDNILQIDANGDKKLKKNNGLRNFIASNVIDS
NRFKYLVRYGNPKKIRETAKCKPAVRFVLNEIPDAQIERYYEACCPKNTALCSANKRREKLADMIAEIKFENFSDAGNYQ
KANVTSRTSEAEIKRKNQAIIRLYLTVMYIMLKNLVNVNARYVIAFHCVERDTKLYAESGLEVGNIEKNKTNLTMAVMGV
KLENGIIKTEFDKSFAENAANRYLRNARWYKLILDNLKKSERAVVNEFRNTVCHLNAIRNININIKEIKEVENYFALYHY
LIQKHLENRFADKKVERDTGDFISKLEEHKTYCKDFVKAYCTPFGYNLVRYKNLTIDGLFDKNYPGKDDSDEQK
;
A
2 'polyribonucleotide' CACCCGUGCAAAAAUGCAGGGGUCUAAAACUGAGCGGAUAACCUCUCUAUGG B
3 'polyribonucleotide' CGUACCAUAGAGAGGUGAUCCGCUCCACGA C
#
# COMPACT_ATOMS: atom_id res chain seq x y z
N LYS A 59 7.34 9.02 21.78
CA LYS A 59 8.75 9.39 21.80
C LYS A 59 8.93 10.78 22.39
N SER A 60 8.60 11.80 21.60
CA SER A 60 8.75 13.17 22.04
C SER A 60 7.75 13.49 23.15
N MET A 61 8.22 14.19 24.18
CA MET A 61 7.35 14.59 25.28
C MET A 61 6.32 15.63 24.85
N ALA A 62 6.62 16.40 23.80
CA ALA A 62 5.65 17.38 23.32
C ALA A 62 4.38 16.69 22.81
N LYS A 63 4.54 15.60 22.05
CA LYS A 63 3.38 14.86 21.58
C LYS A 63 2.59 14.26 22.74
N ALA A 64 3.30 13.74 23.75
CA ALA A 64 2.62 13.20 24.92
C ALA A 64 1.84 14.28 25.66
N ALA A 65 2.40 15.48 25.74
CA ALA A 65 1.71 16.59 26.40
C ALA A 65 0.48 17.05 25.65
N GLY A 66 0.29 16.61 24.41
CA GLY A 66 -0.90 16.94 23.66
C GLY A 66 -0.72 17.99 22.59
N VAL A 67 0.51 18.42 22.30
CA VAL A 67 0.75 19.42 21.26
C VAL A 67 0.58 18.69 19.92
N LYS A 68 -0.48 19.01 19.20
CA LYS A 68 -0.75 18.36 17.92
C LYS A 68 0.11 18.97 16.82
N SER A 69 0.03 20.29 16.65
CA SER A 69 0.78 20.97 15.61
C SER A 69 1.06 22.38 16.06
N VAL A 70 2.07 23.00 15.44
CA VAL A 70 2.38 24.41 15.66
C VAL A 70 2.40 25.10 14.31
N PHE A 71 1.56 26.12 14.14
CA PHE A 71 1.43 26.85 12.90
C PHE A 71 1.86 28.30 13.10
N ALA A 72 2.28 28.93 12.01
CA ALA A 72 2.68 30.33 12.03
C ALA A 72 2.10 31.02 10.82
N VAL A 73 1.22 31.99 11.05
CA VAL A 73 0.65 32.83 10.00
C VAL A 73 1.01 34.27 10.28
N GLY A 74 1.63 34.93 9.30
CA GLY A 74 2.09 36.28 9.52
C GLY A 74 3.10 36.32 10.65
N ASN A 75 2.85 37.20 11.62
CA ASN A 75 3.66 37.30 12.83
C ASN A 75 3.02 36.64 14.03
N THR A 76 1.94 35.88 13.84
CA THR A 76 1.21 35.24 14.91
C THR A 76 1.36 33.73 14.81
N VAL A 77 1.46 33.07 15.96
CA VAL A 77 1.69 31.63 16.03
C VAL A 77 0.50 30.97 16.71
N TYR A 78 -0.06 29.96 16.06
CA TYR A 78 -1.17 29.18 16.61
C TYR A 78 -0.68 27.79 16.97
N MET A 79 -1.31 27.19 17.99
CA MET A 79 -1.01 25.83 18.39
C MET A 79 -2.30 25.04 18.54
N THR A 80 -2.26 23.78 18.12
CA THR A 80 -3.41 22.90 18.11
C THR A 80 -3.17 21.69 19.00
N SER A 81 -4.27 21.08 19.46
CA SER A 81 -4.23 19.86 20.25
C SER A 81 -5.15 18.83 19.64
N PHE A 82 -5.01 17.59 20.10
CA PHE A 82 -5.79 16.49 19.53
C PHE A 82 -7.25 16.59 19.97
N GLY A 83 -8.15 16.43 19.01
CA GLY A 83 -9.56 16.38 19.32
C GLY A 83 -10.12 14.98 19.17
N ARG A 84 -11.41 14.87 18.90
CA ARG A 84 -12.01 13.56 18.67
C ARG A 84 -11.48 12.97 17.38
N GLY A 85 -11.08 11.70 17.44
CA GLY A 85 -10.52 11.06 16.25
C GLY A 85 -9.23 11.74 15.83
N ASN A 86 -9.15 12.10 14.54
CA ASN A 86 -7.97 12.73 13.98
C ASN A 86 -8.19 14.22 13.70
N ASP A 87 -9.13 14.85 14.41
CA ASP A 87 -9.42 16.26 14.18
C ASP A 87 -8.37 17.13 14.88
N ALA A 88 -8.58 18.44 14.79
CA ALA A 88 -7.71 19.41 15.43
C ALA A 88 -8.54 20.60 15.90
N VAL A 89 -7.98 21.37 16.83
CA VAL A 89 -8.68 22.52 17.41
C VAL A 89 -7.64 23.48 17.98
N LEU A 90 -7.94 24.78 17.89
CA LEU A 90 -7.06 25.83 18.41
C LEU A 90 -7.24 26.00 19.92
N GLU A 91 -6.12 26.14 20.63
CA GLU A 91 -6.12 26.54 22.03
C GLU A 91 -5.39 27.85 22.26
N GLN A 92 -4.13 27.96 21.83
CA GLN A 92 -3.29 29.10 22.16
C GLN A 92 -2.89 29.84 20.90
N LYS A 93 -2.98 31.17 20.94
CA LYS A 93 -2.39 32.02 19.92
C LYS A 93 -1.46 33.00 20.62
N ILE A 94 -0.24 33.13 20.10
CA ILE A 94 0.79 33.96 20.70
C ILE A 94 1.33 34.93 19.66
N VAL A 95 1.38 36.21 20.01
CA VAL A 95 2.04 37.22 19.19
C VAL A 95 2.90 38.08 20.10
N ASP A 96 4.13 38.33 19.66
CA ASP A 96 5.10 39.18 20.37
C ASP A 96 5.13 38.86 21.87
N THR A 97 5.46 37.61 22.17
CA THR A 97 5.48 37.03 23.52
C THR A 97 4.33 37.59 24.35
N SER A 98 3.12 37.36 23.85
CA SER A 98 1.89 37.72 24.55
C SER A 98 0.77 36.87 24.00
N HIS A 99 0.15 36.06 24.86
CA HIS A 99 -0.78 35.03 24.43
C HIS A 99 -2.18 35.32 24.94
N GLU A 100 -3.18 34.90 24.16
CA GLU A 100 -4.58 35.03 24.51
C GLU A 100 -5.23 33.67 24.34
N PRO A 101 -5.85 33.11 25.38
CA PRO A 101 -6.35 31.74 25.31
C PRO A 101 -7.60 31.61 24.46
N LEU A 102 -7.80 30.38 23.97
CA LEU A 102 -8.98 30.00 23.21
C LEU A 102 -9.43 28.63 23.71
N ASN A 103 -10.64 28.25 23.31
CA ASN A 103 -11.24 26.97 23.73
C ASN A 103 -11.30 26.88 25.25
N ILE A 104 -12.06 27.81 25.83
CA ILE A 104 -12.12 27.94 27.29
C ILE A 104 -12.79 26.71 27.92
N ASP A 105 -13.73 26.09 27.21
CA ASP A 105 -14.53 25.03 27.82
C ASP A 105 -13.67 23.83 28.24
N ASP A 106 -12.68 23.47 27.42
CA ASP A 106 -11.85 22.30 27.70
C ASP A 106 -10.45 22.53 27.18
N PRO A 107 -9.57 23.13 28.00
CA PRO A 107 -8.18 23.36 27.58
C PRO A 107 -7.38 22.07 27.71
N ALA A 108 -6.84 21.60 26.58
CA ALA A 108 -6.01 20.41 26.61
C ALA A 108 -4.73 20.63 27.40
N TYR A 109 -4.12 21.81 27.24
CA TYR A 109 -2.92 22.16 27.99
C TYR A 109 -2.91 23.66 28.25
N GLN A 110 -2.03 24.09 29.15
CA GLN A 110 -1.89 25.49 29.51
C GLN A 110 -0.44 25.91 29.39
N LEU A 111 -0.23 27.20 29.17
CA LEU A 111 1.11 27.74 28.98
C LEU A 111 1.68 28.18 30.32
N ASN A 112 2.71 27.48 30.79
CA ASN A 112 3.37 27.88 32.03
C ASN A 112 4.11 29.20 31.86
N VAL A 113 4.92 29.31 30.80
CA VAL A 113 5.71 30.50 30.54
C VAL A 113 5.84 30.67 29.04
N VAL A 114 6.00 31.92 28.62
CA VAL A 114 6.08 32.26 27.20
C VAL A 114 7.36 33.06 26.97
N THR A 115 8.10 32.71 25.91
CA THR A 115 9.29 33.44 25.51
C THR A 115 9.47 33.29 24.02
N MET A 116 10.27 34.19 23.44
CA MET A 116 10.51 34.14 22.00
C MET A 116 11.19 32.84 21.59
N ASN A 117 12.02 32.27 22.47
CA ASN A 117 12.74 31.05 22.12
C ASN A 117 11.80 29.86 22.00
N GLY A 118 10.89 29.69 22.95
CA GLY A 118 10.02 28.54 22.93
C GLY A 118 8.82 28.72 23.84
N TYR A 119 8.04 27.65 23.98
CA TYR A 119 6.83 27.65 24.78
C TYR A 119 6.86 26.49 25.76
N SER A 120 6.29 26.71 26.94
CA SER A 120 6.23 25.70 27.99
C SER A 120 4.79 25.25 28.17
N VAL A 121 4.58 23.94 28.10
CA VAL A 121 3.24 23.35 28.19
C VAL A 121 3.26 22.19 29.17
N THR A 122 2.10 21.91 29.77
CA THR A 122 1.87 20.71 30.58
C THR A 122 0.48 20.20 30.28
N GLY A 123 0.39 19.01 29.68
CA GLY A 123 -0.88 18.48 29.23
C GLY A 123 -1.55 17.57 30.24
N HIS A 124 -2.82 17.26 29.95
CA HIS A 124 -3.60 16.31 30.74
C HIS A 124 -4.06 15.13 29.91
N ARG A 125 -3.36 14.84 28.81
CA ARG A 125 -3.76 13.72 27.94
C ARG A 125 -3.70 12.40 28.69
N GLY A 126 -2.57 12.13 29.34
CA GLY A 126 -2.45 10.96 30.19
C GLY A 126 -1.93 11.35 31.55
N GLU A 127 -0.81 10.78 31.95
CA GLU A 127 -0.12 11.25 33.15
C GLU A 127 0.38 12.66 32.92
N THR A 128 0.38 13.47 33.97
CA THR A 128 0.84 14.84 33.88
C THR A 128 2.29 14.89 33.40
N VAL A 129 2.50 15.38 32.18
CA VAL A 129 3.80 15.41 31.55
C VAL A 129 4.10 16.84 31.10
N SER A 130 5.28 17.33 31.44
CA SER A 130 5.71 18.66 31.03
C SER A 130 6.64 18.55 29.82
N ALA A 131 6.51 19.51 28.90
CA ALA A 131 7.31 19.50 27.69
C ALA A 131 7.48 20.93 27.20
N VAL A 132 8.48 21.12 26.33
CA VAL A 132 8.78 22.42 25.76
C VAL A 132 8.78 22.29 24.24
N THR A 133 8.10 23.22 23.57
CA THR A 133 8.04 23.26 22.12
C THR A 133 8.77 24.50 21.62
N ASP A 134 9.15 24.46 20.34
CA ASP A 134 9.94 25.51 19.73
C ASP A 134 9.07 26.42 18.87
N ASN A 135 9.42 27.70 18.86
CA ASN A 135 8.68 28.68 18.07
C ASN A 135 9.07 28.55 16.60
N PRO A 136 8.14 28.20 15.70
CA PRO A 136 8.52 28.03 14.30
C PRO A 136 8.99 29.29 13.62
N LEU A 137 8.57 30.47 14.09
CA LEU A 137 8.98 31.71 13.46
C LEU A 137 10.48 31.97 13.60
N ARG A 138 11.14 31.32 14.54
CA ARG A 138 12.57 31.50 14.76
C ARG A 138 13.40 30.47 14.02
N ARG A 139 12.78 29.65 13.18
CA ARG A 139 13.54 28.64 12.43
C ARG A 139 14.49 29.32 11.46
N PHE A 140 15.69 28.75 11.33
CA PHE A 140 16.73 29.25 10.44
C PHE A 140 17.20 30.65 10.82
N ASN A 141 16.77 31.15 11.97
CA ASN A 141 17.12 32.50 12.41
C ASN A 141 17.70 32.46 13.82
N GLY A 142 18.56 31.49 14.10
CA GLY A 142 19.18 31.37 15.40
C GLY A 142 20.37 32.28 15.55
N ARG A 143 21.46 31.76 16.12
CA ARG A 143 22.67 32.56 16.28
C ARG A 143 23.39 32.79 14.96
N LYS A 144 22.97 32.11 13.89
CA LYS A 144 23.51 32.26 12.54
C LYS A 144 25.03 32.40 12.50
N PRO A 148 12.27 41.81 13.13
CA PRO A 148 12.96 41.94 11.85
C PRO A 148 13.84 40.74 11.52
N GLU A 149 13.97 39.82 12.47
CA GLU A 149 14.77 38.61 12.30
C GLU A 149 13.94 37.36 12.55
N GLN A 150 12.66 37.40 12.21
CA GLN A 150 11.79 36.25 12.30
C GLN A 150 10.83 36.26 11.11
N SER A 151 10.62 35.09 10.51
CA SER A 151 9.79 34.98 9.33
C SER A 151 9.25 33.56 9.23
N VAL A 152 8.25 33.39 8.38
CA VAL A 152 7.64 32.06 8.20
C VAL A 152 8.69 31.12 7.60
N PRO A 153 8.85 29.91 8.14
CA PRO A 153 9.87 29.00 7.60
C PRO A 153 9.55 28.56 6.19
N THR A 154 10.60 28.30 5.42
CA THR A 154 10.46 27.80 4.06
C THR A 154 10.54 26.29 4.07
N ASP A 155 10.56 25.69 2.88
CA ASP A 155 10.67 24.25 2.72
C ASP A 155 12.14 23.86 2.71
N MET A 156 12.43 22.64 3.15
CA MET A 156 13.81 22.15 3.13
C MET A 156 14.37 22.13 1.71
N LEU A 157 13.52 21.87 0.72
CA LEU A 157 13.91 21.89 -0.68
C LEU A 157 13.84 23.29 -1.28
N CYS A 158 13.41 24.29 -0.51
CA CYS A 158 13.27 25.67 -0.98
C CYS A 158 12.38 25.72 -2.21
N LEU A 159 11.31 24.93 -2.19
CA LEU A 159 10.39 24.79 -3.32
C LEU A 159 8.95 25.07 -2.90
N LYS A 160 8.78 25.84 -1.83
CA LYS A 160 7.46 26.10 -1.27
C LYS A 160 6.64 27.09 -2.10
N PRO A 161 7.16 28.28 -2.44
CA PRO A 161 6.32 29.24 -3.17
C PRO A 161 5.81 28.71 -4.50
N THR A 162 6.63 27.93 -5.22
CA THR A 162 6.20 27.39 -6.51
C THR A 162 5.06 26.39 -6.33
N LEU A 163 5.16 25.52 -5.33
CA LEU A 163 4.08 24.57 -5.07
C LEU A 163 2.80 25.28 -4.64
N GLU A 164 2.95 26.30 -3.79
CA GLU A 164 1.79 27.07 -3.36
C GLU A 164 1.12 27.78 -4.52
N LYS A 165 1.92 28.31 -5.46
CA LYS A 165 1.35 28.93 -6.65
C LYS A 165 0.74 27.89 -7.58
N LYS A 166 1.25 26.66 -7.56
CA LYS A 166 0.69 25.60 -8.39
C LYS A 166 -0.68 25.19 -7.91
N PHE A 167 -0.84 24.98 -6.59
CA PHE A 167 -2.10 24.51 -6.05
C PHE A 167 -3.04 25.63 -5.59
N PHE A 168 -2.59 26.88 -5.63
CA PHE A 168 -3.42 27.99 -5.18
C PHE A 168 -3.11 29.22 -6.01
N GLY A 169 -3.90 30.27 -5.79
CA GLY A 169 -3.74 31.49 -6.58
C GLY A 169 -2.43 32.20 -6.36
N LYS A 170 -1.94 32.21 -5.13
CA LYS A 170 -0.76 33.02 -4.79
C LYS A 170 -0.12 32.45 -3.53
N GLU A 171 0.99 33.07 -3.13
CA GLU A 171 1.63 32.73 -1.87
C GLU A 171 0.75 33.18 -0.71
N PHE A 172 0.68 32.36 0.33
CA PHE A 172 -0.14 32.64 1.50
C PHE A 172 0.66 32.95 2.76
N ASP A 173 1.99 32.88 2.70
CA ASP A 173 2.88 33.17 3.85
C ASP A 173 2.41 32.47 5.13
N ASP A 174 2.01 31.22 5.01
CA ASP A 174 1.71 30.36 6.14
C ASP A 174 2.49 29.06 5.99
N ASN A 175 2.50 28.26 7.06
CA ASN A 175 3.16 26.96 7.06
C ASN A 175 2.17 25.81 7.15
N ILE A 176 0.95 26.00 6.68
CA ILE A 176 -0.06 24.95 6.65
C ILE A 176 -0.27 24.43 5.24
N HIS A 177 -0.38 25.34 4.27
CA HIS A 177 -0.62 24.93 2.89
C HIS A 177 0.53 24.09 2.36
N ILE A 178 1.75 24.34 2.81
CA ILE A 178 2.87 23.51 2.38
C ILE A 178 2.70 22.08 2.89
N GLN A 179 2.22 21.92 4.13
CA GLN A 179 1.95 20.59 4.65
C GLN A 179 0.83 19.91 3.86
N LEU A 180 -0.21 20.67 3.52
CA LEU A 180 -1.29 20.11 2.72
C LEU A 180 -0.77 19.64 1.36
N ILE A 181 0.09 20.44 0.73
CA ILE A 181 0.63 20.09 -0.58
C ILE A 181 1.49 18.83 -0.47
N TYR A 182 2.30 18.74 0.59
CA TYR A 182 3.13 17.55 0.76
C TYR A 182 2.27 16.31 0.97
N ASN A 183 1.20 16.44 1.75
CA ASN A 183 0.28 15.32 1.92
C ASN A 183 -0.37 14.93 0.60
N ILE A 184 -0.68 15.91 -0.24
CA ILE A 184 -1.22 15.62 -1.56
C ILE A 184 -0.22 14.84 -2.40
N LEU A 185 1.05 15.29 -2.38
CA LEU A 185 2.09 14.61 -3.14
C LEU A 185 2.31 13.19 -2.66
N ASP A 186 2.11 12.95 -1.36
CA ASP A 186 2.25 11.60 -0.82
C ASP A 186 1.30 10.63 -1.49
N ILE A 187 0.15 11.11 -1.96
CA ILE A 187 -0.81 10.22 -2.64
C ILE A 187 -0.21 9.66 -3.91
N GLU A 188 0.38 10.52 -4.74
CA GLU A 188 1.04 10.04 -5.95
C GLU A 188 2.25 9.20 -5.60
N LYS A 189 2.97 9.57 -4.54
CA LYS A 189 4.15 8.80 -4.14
C LYS A 189 3.78 7.38 -3.78
N ILE A 190 2.66 7.19 -3.06
CA ILE A 190 2.25 5.85 -2.68
C ILE A 190 1.51 5.14 -3.81
N LEU A 191 0.96 5.88 -4.78
CA LEU A 191 0.33 5.24 -5.91
C LEU A 191 1.36 4.67 -6.89
N ALA A 192 2.53 5.31 -6.98
CA ALA A 192 3.52 4.89 -7.98
C ALA A 192 3.97 3.46 -7.76
N VAL A 193 4.29 3.11 -6.51
CA VAL A 193 4.81 1.78 -6.21
C VAL A 193 3.80 0.70 -6.59
N TYR A 194 2.55 0.89 -6.17
CA TYR A 194 1.55 -0.15 -6.43
C TYR A 194 1.16 -0.18 -7.90
N SER A 195 1.16 0.97 -8.58
CA SER A 195 0.90 0.96 -10.01
C SER A 195 1.97 0.20 -10.77
N THR A 196 3.24 0.42 -10.42
CA THR A 196 4.29 -0.31 -11.12
C THR A 196 4.30 -1.79 -10.75
N ASN A 197 3.94 -2.13 -9.51
CA ASN A 197 3.80 -3.54 -9.16
C ASN A 197 2.69 -4.21 -9.97
N ALA A 198 1.55 -3.54 -10.10
CA ALA A 198 0.45 -4.11 -10.87
C ALA A 198 0.83 -4.25 -12.34
N ILE A 199 1.49 -3.25 -12.91
CA ILE A 199 1.84 -3.33 -14.32
C ILE A 199 2.91 -4.41 -14.53
N TYR A 200 3.76 -4.66 -13.53
CA TYR A 200 4.69 -5.77 -13.64
C TYR A 200 3.96 -7.10 -13.60
N ALA A 201 2.96 -7.22 -12.72
CA ALA A 201 2.21 -8.47 -12.61
C ALA A 201 1.53 -8.81 -13.93
N LEU A 202 0.92 -7.82 -14.57
CA LEU A 202 0.28 -8.06 -15.87
C LEU A 202 1.33 -8.32 -16.95
N ASN A 203 2.51 -7.72 -16.84
CA ASN A 203 3.55 -7.89 -17.84
C ASN A 203 4.29 -9.22 -17.68
N ASN A 204 4.01 -9.98 -16.62
CA ASN A 204 4.69 -11.25 -16.41
C ASN A 204 4.35 -12.28 -17.47
N MET A 205 3.33 -12.03 -18.29
CA MET A 205 2.99 -12.96 -19.36
C MET A 205 4.08 -12.99 -20.41
N SER A 206 3.90 -13.87 -21.40
CA SER A 206 4.91 -14.11 -22.44
C SER A 206 6.25 -14.51 -21.82
N ALA A 207 6.17 -15.32 -20.76
CA ALA A 207 7.37 -15.70 -20.02
C ALA A 207 8.30 -16.57 -20.87
N ASP A 208 7.73 -17.50 -21.64
CA ASP A 208 8.55 -18.39 -22.45
C ASP A 208 9.32 -17.62 -23.52
N GLU A 209 8.62 -16.77 -24.26
CA GLU A 209 9.25 -15.92 -25.27
C GLU A 209 9.57 -14.55 -24.69
N ASN A 210 10.43 -14.55 -23.68
CA ASN A 210 10.77 -13.32 -22.98
C ASN A 210 11.52 -12.36 -23.90
N ILE A 211 11.09 -11.11 -23.93
CA ILE A 211 11.72 -10.06 -24.72
C ILE A 211 11.65 -8.76 -23.94
N GLU A 212 12.62 -7.89 -24.20
CA GLU A 212 12.73 -6.61 -23.51
C GLU A 212 12.89 -5.51 -24.53
N ASN A 213 11.92 -4.62 -24.61
CA ASN A 213 11.90 -3.50 -25.56
C ASN A 213 10.82 -2.54 -25.10
N SER A 214 10.48 -1.58 -25.95
CA SER A 214 9.35 -0.69 -25.69
C SER A 214 8.07 -1.53 -25.70
N ASP A 215 7.53 -1.81 -24.53
CA ASP A 215 6.46 -2.79 -24.40
C ASP A 215 5.12 -2.22 -24.83
N PHE A 216 4.17 -3.13 -25.05
CA PHE A 216 2.83 -2.72 -25.45
C PHE A 216 2.15 -1.90 -24.37
N PHE A 217 2.35 -2.27 -23.09
CA PHE A 217 1.72 -1.55 -22.00
C PHE A 217 2.30 -0.16 -21.79
N MET A 218 3.50 0.10 -22.31
CA MET A 218 4.11 1.41 -22.12
C MET A 218 3.40 2.48 -22.93
N LYS A 219 2.92 2.14 -24.12
CA LYS A 219 2.37 3.10 -25.06
C LYS A 219 0.84 3.13 -25.06
N ARG A 220 0.21 2.97 -23.89
CA ARG A 220 -1.24 2.97 -23.79
C ARG A 220 -1.70 4.31 -23.22
N THR A 221 -2.58 4.99 -23.96
CA THR A 221 -3.13 6.27 -23.55
C THR A 221 -4.65 6.23 -23.65
N THR A 222 -5.31 6.90 -22.72
CA THR A 222 -6.77 6.99 -22.73
C THR A 222 -7.26 8.15 -23.60
N ASP A 223 -6.80 8.18 -24.83
CA ASP A 223 -7.24 9.16 -25.81
C ASP A 223 -7.99 8.53 -26.95
N GLU A 224 -7.51 7.40 -27.47
CA GLU A 224 -8.16 6.68 -28.56
C GLU A 224 -8.90 5.49 -28.00
N THR A 225 -10.16 5.33 -28.40
CA THR A 225 -10.97 4.22 -27.94
C THR A 225 -10.68 2.98 -28.79
N PHE A 226 -11.29 1.86 -28.40
CA PHE A 226 -11.09 0.62 -29.14
C PHE A 226 -11.61 0.71 -30.57
N ASP A 227 -12.50 1.65 -30.86
CA ASP A 227 -12.94 1.85 -32.23
C ASP A 227 -11.78 2.27 -33.13
N ASP A 228 -10.92 3.16 -32.63
CA ASP A 228 -9.77 3.61 -33.41
C ASP A 228 -8.62 2.60 -33.35
N PHE A 229 -8.54 1.83 -32.26
CA PHE A 229 -7.45 0.88 -32.11
C PHE A 229 -7.51 -0.21 -33.17
N GLU A 230 -8.70 -0.69 -33.51
CA GLU A 230 -8.84 -1.73 -34.51
C GLU A 230 -8.40 -1.29 -35.89
N LYS A 231 -8.33 0.03 -36.13
CA LYS A 231 -7.93 0.52 -37.45
C LYS A 231 -6.50 0.12 -37.78
N LYS A 232 -5.68 -0.19 -36.78
CA LYS A 232 -4.30 -0.57 -37.02
C LYS A 232 -4.15 -1.99 -37.55
N LYS A 233 -5.24 -2.76 -37.60
CA LYS A 233 -5.15 -4.14 -38.08
C LYS A 233 -4.73 -4.19 -39.54
N GLU A 234 -5.25 -3.28 -40.36
CA GLU A 234 -4.95 -3.28 -41.78
C GLU A 234 -3.92 -2.22 -42.19
N SER A 235 -3.44 -1.43 -41.23
CA SER A 235 -2.49 -0.37 -41.55
C SER A 235 -1.14 -0.96 -41.97
N THR A 236 -0.48 -0.27 -42.89
CA THR A 236 0.83 -0.69 -43.38
C THR A 236 1.97 -0.28 -42.43
N ASN A 237 1.70 0.60 -41.47
CA ASN A 237 2.71 1.04 -40.51
C ASN A 237 3.19 -0.14 -39.67
N SER A 238 4.48 -0.45 -39.76
CA SER A 238 5.02 -1.60 -39.04
C SER A 238 4.95 -1.42 -37.53
N ARG A 239 5.24 -0.21 -37.04
CA ARG A 239 5.29 0.02 -35.60
C ARG A 239 3.94 -0.24 -34.95
N GLU A 240 2.87 0.22 -35.58
CA GLU A 240 1.53 -0.05 -35.07
C GLU A 240 1.08 -1.49 -35.30
N LYS A 241 1.53 -2.11 -36.39
CA LYS A 241 1.24 -3.52 -36.62
C LYS A 241 1.80 -4.37 -35.50
N ALA A 242 3.04 -4.08 -35.07
CA ALA A 242 3.63 -4.83 -33.97
C ALA A 242 2.83 -4.66 -32.69
N ASP A 243 2.37 -3.44 -32.40
CA ASP A 243 1.59 -3.20 -31.20
C ASP A 243 0.27 -3.96 -31.24
N PHE A 244 -0.43 -3.92 -32.38
CA PHE A 244 -1.70 -4.65 -32.47
C PHE A 244 -1.48 -6.15 -32.36
N ASP A 245 -0.42 -6.67 -32.97
CA ASP A 245 -0.13 -8.09 -32.85
C ASP A 245 0.22 -8.47 -31.42
N ALA A 246 0.93 -7.59 -30.70
CA ALA A 246 1.21 -7.86 -29.28
C ALA A 246 -0.07 -7.92 -28.48
N PHE A 247 -1.00 -6.99 -28.74
CA PHE A 247 -2.28 -7.03 -28.03
C PHE A 247 -3.05 -8.31 -28.35
N GLU A 248 -3.07 -8.71 -29.61
CA GLU A 248 -3.78 -9.92 -30.00
C GLU A 248 -3.16 -11.15 -29.34
N LYS A 249 -1.83 -11.20 -29.27
CA LYS A 249 -1.17 -12.30 -28.58
C LYS A 249 -1.51 -12.30 -27.10
N PHE A 250 -1.57 -11.11 -26.48
CA PHE A 250 -1.89 -11.04 -25.06
C PHE A 250 -3.32 -11.50 -24.78
N ILE A 251 -4.26 -11.15 -25.66
CA ILE A 251 -5.66 -11.49 -25.39
C ILE A 251 -5.89 -12.99 -25.41
N GLY A 252 -5.03 -13.75 -26.06
CA GLY A 252 -5.16 -15.20 -26.13
C GLY A 252 -4.33 -15.96 -25.13
N ASN A 253 -3.70 -15.29 -24.17
CA ASN A 253 -2.85 -15.96 -23.21
C ASN A 253 -3.70 -16.79 -22.24
N TYR A 254 -3.28 -18.03 -22.02
CA TYR A 254 -4.05 -18.92 -21.15
C TYR A 254 -3.98 -18.49 -19.68
N ARG A 255 -2.92 -17.78 -19.30
CA ARG A 255 -2.76 -17.36 -17.91
C ARG A 255 -3.62 -16.17 -17.54
N LEU A 256 -4.46 -15.67 -18.45
CA LEU A 256 -5.33 -14.56 -18.13
C LEU A 256 -6.33 -14.89 -17.04
N ALA A 257 -6.61 -16.18 -16.82
CA ALA A 257 -7.59 -16.58 -15.82
C ALA A 257 -7.13 -16.30 -14.40
N TYR A 258 -5.86 -15.97 -14.20
CA TYR A 258 -5.36 -15.68 -12.85
C TYR A 258 -5.91 -14.38 -12.30
N PHE A 259 -6.57 -13.57 -13.11
CA PHE A 259 -7.20 -12.33 -12.69
C PHE A 259 -8.67 -12.33 -13.12
N ALA A 260 -9.36 -13.44 -12.83
CA ALA A 260 -10.74 -13.60 -13.27
C ALA A 260 -11.66 -12.53 -12.70
N ASP A 261 -11.28 -11.89 -11.59
CA ASP A 261 -12.12 -10.84 -11.02
C ASP A 261 -12.17 -9.59 -11.88
N ALA A 262 -11.31 -9.49 -12.89
CA ALA A 262 -11.26 -8.32 -13.77
C ALA A 262 -11.59 -8.64 -15.21
N PHE A 263 -11.06 -9.73 -15.75
CA PHE A 263 -11.22 -10.06 -17.16
C PHE A 263 -12.31 -11.09 -17.42
N TYR A 264 -13.06 -11.50 -16.41
CA TYR A 264 -14.06 -12.54 -16.56
C TYR A 264 -15.39 -12.08 -15.98
N VAL A 265 -16.48 -12.47 -16.63
CA VAL A 265 -17.83 -12.15 -16.18
C VAL A 265 -18.73 -13.35 -16.42
N ASN A 266 -19.68 -13.56 -15.52
CA ASN A 266 -20.60 -14.69 -15.63
C ASN A 266 -21.67 -14.41 -16.69
N LYS A 267 -22.16 -15.50 -17.28
CA LYS A 267 -23.17 -15.41 -18.34
C LYS A 267 -24.02 -16.67 -18.26
N LYS A 268 -25.33 -16.49 -18.14
CA LYS A 268 -26.26 -17.62 -18.02
C LYS A 268 -26.14 -18.59 -19.19
N ALA A 274 -25.24 -21.13 -15.54
CA ALA A 274 -24.38 -19.96 -15.69
C ALA A 274 -22.91 -20.35 -15.62
N LYS A 275 -22.10 -19.77 -16.50
CA LYS A 275 -20.67 -20.04 -16.57
C LYS A 275 -19.90 -18.73 -16.65
N ASN A 276 -18.71 -18.74 -16.06
CA ASN A 276 -17.79 -17.61 -16.20
C ASN A 276 -17.16 -17.64 -17.58
N VAL A 277 -17.23 -16.51 -18.29
CA VAL A 277 -16.75 -16.43 -19.66
C VAL A 277 -15.86 -15.21 -19.80
N LEU A 278 -14.97 -15.25 -20.79
CA LEU A 278 -14.08 -14.14 -21.07
C LEU A 278 -14.87 -12.94 -21.57
N ARG A 279 -14.46 -11.76 -21.12
CA ARG A 279 -15.17 -10.53 -21.48
C ARG A 279 -14.99 -10.22 -22.95
N GLU A 280 -15.72 -9.20 -23.41
CA GLU A 280 -15.59 -8.75 -24.78
C GLU A 280 -14.25 -8.06 -25.00
N ASP A 281 -13.84 -7.97 -26.27
CA ASP A 281 -12.51 -7.46 -26.58
C ASP A 281 -12.35 -6.00 -26.16
N LYS A 282 -13.36 -5.17 -26.44
CA LYS A 282 -13.25 -3.76 -26.10
C LYS A 282 -13.17 -3.55 -24.59
N GLU A 283 -13.93 -4.34 -23.83
CA GLU A 283 -13.84 -4.27 -22.37
C GLU A 283 -12.43 -4.62 -21.90
N LEU A 284 -11.84 -5.67 -22.47
CA LEU A 284 -10.49 -6.05 -22.10
C LEU A 284 -9.49 -4.96 -22.42
N TYR A 285 -9.61 -4.36 -23.61
CA TYR A 285 -8.69 -3.29 -23.99
C TYR A 285 -8.83 -2.10 -23.07
N SER A 286 -10.06 -1.73 -22.70
CA SER A 286 -10.25 -0.61 -21.79
C SER A 286 -9.65 -0.90 -20.43
N VAL A 287 -9.86 -2.12 -19.91
CA VAL A 287 -9.31 -2.47 -18.60
C VAL A 287 -7.79 -2.41 -18.63
N LEU A 288 -7.18 -2.90 -19.71
CA LEU A 288 -5.73 -2.86 -19.83
C LEU A 288 -5.23 -1.42 -19.90
N THR A 289 -5.84 -0.62 -20.77
CA THR A 289 -5.32 0.72 -21.03
C THR A 289 -5.54 1.66 -19.85
N LEU A 290 -6.54 1.40 -19.01
CA LEU A 290 -6.71 2.23 -17.83
C LEU A 290 -5.50 2.11 -16.90
N ILE A 291 -5.10 0.87 -16.59
CA ILE A 291 -3.93 0.66 -15.75
C ILE A 291 -2.68 1.16 -16.44
N GLY A 292 -2.57 0.93 -17.76
CA GLY A 292 -1.40 1.41 -18.48
C GLY A 292 -1.24 2.92 -18.39
N LYS A 293 -2.32 3.66 -18.63
CA LYS A 293 -2.27 5.10 -18.55
C LYS A 293 -2.02 5.57 -17.13
N LEU A 294 -2.60 4.90 -16.14
CA LEU A 294 -2.34 5.28 -14.76
C LEU A 294 -0.86 5.16 -14.43
N ARG A 295 -0.25 4.03 -14.82
CA ARG A 295 1.17 3.85 -14.59
C ARG A 295 1.99 4.90 -15.31
N HIS A 296 1.68 5.13 -16.59
CA HIS A 296 2.47 6.07 -17.38
C HIS A 296 2.36 7.48 -16.82
N TRP A 297 1.17 7.86 -16.36
CA TRP A 297 0.97 9.20 -15.82
C TRP A 297 1.66 9.36 -14.47
N CYS A 298 1.65 8.30 -13.64
CA CYS A 298 2.13 8.48 -12.28
C CYS A 298 3.64 8.32 -12.18
N VAL A 299 4.24 7.44 -12.99
CA VAL A 299 5.68 7.23 -12.87
C VAL A 299 6.46 8.21 -13.73
N HIS A 300 5.88 8.67 -14.85
CA HIS A 300 6.54 9.63 -15.72
C HIS A 300 6.08 11.04 -15.35
N SER A 301 6.42 12.00 -16.20
CA SER A 301 5.96 13.37 -16.07
C SER A 301 5.22 13.76 -17.35
N GLU A 302 3.99 14.21 -17.20
CA GLU A 302 3.15 14.51 -18.34
C GLU A 302 3.50 15.90 -18.89
N GLU A 303 2.74 16.37 -19.87
CA GLU A 303 2.97 17.68 -20.45
C GLU A 303 1.70 18.14 -21.15
N GLY A 304 1.22 19.32 -20.79
CA GLY A 304 0.03 19.88 -21.44
C GLY A 304 -1.21 19.70 -20.57
N ARG A 305 -2.25 19.13 -21.16
CA ARG A 305 -3.50 18.89 -20.46
C ARG A 305 -3.51 17.59 -19.69
N ALA A 306 -2.51 16.74 -19.88
CA ALA A 306 -2.49 15.43 -19.22
C ALA A 306 -1.89 15.49 -17.82
N GLU A 307 -1.49 16.66 -17.33
CA GLU A 307 -0.98 16.76 -15.96
C GLU A 307 -2.04 16.38 -14.95
N PHE A 308 -3.28 16.80 -15.16
CA PHE A 308 -4.35 16.66 -14.19
C PHE A 308 -5.31 15.52 -14.55
N TRP A 309 -4.76 14.44 -15.12
CA TRP A 309 -5.61 13.34 -15.56
C TRP A 309 -6.31 12.67 -14.39
N LEU A 310 -5.57 12.34 -13.34
CA LEU A 310 -6.16 11.63 -12.21
C LEU A 310 -7.23 12.47 -11.53
N TYR A 311 -7.03 13.78 -11.46
CA TYR A 311 -7.94 14.66 -10.75
C TYR A 311 -9.03 15.24 -11.62
N LYS A 312 -8.95 15.05 -12.95
CA LYS A 312 -10.07 15.34 -13.85
C LYS A 312 -10.57 14.06 -14.50
N LEU A 313 -10.35 12.93 -13.84
CA LEU A 313 -10.88 11.63 -14.20
C LEU A 313 -12.35 11.64 -14.61
N ASP A 314 -13.11 12.63 -14.14
CA ASP A 314 -14.53 12.68 -14.45
C ASP A 314 -14.79 12.75 -15.95
N GLU A 315 -13.79 13.13 -16.74
CA GLU A 315 -13.97 13.41 -18.16
C GLU A 315 -13.32 12.36 -19.07
N LEU A 316 -13.43 11.07 -18.77
CA LEU A 316 -12.94 10.10 -19.74
C LEU A 316 -13.95 9.93 -20.87
N LYS A 317 -13.74 8.90 -21.69
CA LYS A 317 -14.74 8.50 -22.65
C LYS A 317 -15.70 7.49 -22.03
N ASP A 318 -16.73 7.13 -22.79
CA ASP A 318 -17.79 6.30 -22.24
C ASP A 318 -17.31 4.89 -21.94
N ASP A 319 -16.42 4.35 -22.77
CA ASP A 319 -16.02 2.95 -22.63
C ASP A 319 -15.31 2.70 -21.31
N PHE A 320 -14.40 3.59 -20.92
CA PHE A 320 -13.68 3.40 -19.66
C PHE A 320 -14.62 3.52 -18.47
N LYS A 321 -15.57 4.47 -18.53
CA LYS A 321 -16.56 4.57 -17.48
C LYS A 321 -17.39 3.31 -17.37
N ASN A 322 -17.79 2.75 -18.52
CA ASN A 322 -18.58 1.52 -18.51
C ASN A 322 -17.80 0.35 -17.91
N VAL A 323 -16.52 0.20 -18.30
CA VAL A 323 -15.76 -0.93 -17.79
C VAL A 323 -15.50 -0.77 -16.29
N LEU A 324 -15.23 0.46 -15.84
CA LEU A 324 -15.09 0.69 -14.40
C LEU A 324 -16.38 0.34 -13.66
N ASP A 325 -17.52 0.75 -14.21
CA ASP A 325 -18.80 0.47 -13.56
C ASP A 325 -19.06 -1.02 -13.48
N VAL A 326 -18.82 -1.75 -14.57
CA VAL A 326 -19.11 -3.18 -14.55
C VAL A 326 -18.12 -3.94 -13.67
N VAL A 327 -16.88 -3.47 -13.56
CA VAL A 327 -15.91 -4.14 -12.70
C VAL A 327 -16.25 -3.90 -11.24
N TYR A 328 -16.57 -2.66 -10.87
CA TYR A 328 -16.86 -2.35 -9.47
C TYR A 328 -18.23 -2.83 -9.02
N ASN A 329 -19.18 -2.98 -9.96
CA ASN A 329 -20.54 -3.33 -9.57
C ASN A 329 -20.66 -4.81 -9.20
N ARG A 330 -19.84 -5.67 -9.80
CA ARG A 330 -19.99 -7.11 -9.60
C ARG A 330 -19.89 -7.54 -8.15
N PRO A 331 -18.86 -7.14 -7.38
CA PRO A 331 -18.87 -7.51 -5.95
C PRO A 331 -20.06 -6.95 -5.19
N VAL A 332 -20.50 -5.74 -5.53
CA VAL A 332 -21.65 -5.17 -4.84
C VAL A 332 -22.91 -5.97 -5.15
N GLU A 333 -23.09 -6.38 -6.40
CA GLU A 333 -24.23 -7.22 -6.76
C GLU A 333 -24.16 -8.57 -6.04
N GLU A 334 -22.96 -9.15 -5.95
CA GLU A 334 -22.84 -10.45 -5.29
C GLU A 334 -23.06 -10.34 -3.78
N ILE A 335 -22.76 -9.19 -3.19
CA ILE A 335 -22.95 -9.02 -1.75
C ILE A 335 -24.39 -8.63 -1.43
N ASN A 336 -24.96 -7.70 -2.20
CA ASN A 336 -26.24 -7.10 -1.83
C ASN A 336 -27.44 -7.81 -2.45
N ASN A 337 -27.41 -8.07 -3.75
CA ASN A 337 -28.59 -8.58 -4.44
C ASN A 337 -28.99 -9.95 -3.90
N ARG A 338 -28.04 -10.84 -3.70
CA ARG A 338 -28.31 -12.18 -3.18
C ARG A 338 -27.93 -12.31 -1.71
N PHE A 339 -27.99 -11.21 -0.96
CA PHE A 339 -27.74 -11.27 0.48
C PHE A 339 -28.79 -12.12 1.18
N ILE A 340 -30.04 -12.05 0.70
CA ILE A 340 -31.10 -12.85 1.31
C ILE A 340 -30.85 -14.33 1.07
N GLU A 341 -30.54 -14.71 -0.17
CA GLU A 341 -30.42 -16.13 -0.50
C GLU A 341 -29.25 -16.78 0.22
N ASN A 342 -28.12 -16.07 0.34
CA ASN A 342 -26.95 -16.65 0.97
C ASN A 342 -27.20 -17.00 2.43
N ASN A 343 -27.86 -16.11 3.17
CA ASN A 343 -28.08 -16.28 4.59
C ASN A 343 -29.55 -16.55 4.90
N LYS A 344 -30.27 -17.16 3.96
CA LYS A 344 -31.70 -17.39 4.11
C LYS A 344 -32.00 -18.37 5.25
N VAL A 345 -31.20 -19.43 5.37
CA VAL A 345 -31.43 -20.42 6.42
C VAL A 345 -31.29 -19.80 7.80
N ASN A 346 -30.47 -18.75 7.93
CA ASN A 346 -30.31 -18.10 9.22
C ASN A 346 -31.47 -17.18 9.53
N ILE A 347 -31.85 -16.32 8.59
CA ILE A 347 -32.88 -15.33 8.86
C ILE A 347 -34.23 -16.00 9.04
N GLN A 348 -34.50 -17.07 8.28
CA GLN A 348 -35.79 -17.72 8.38
C GLN A 348 -36.05 -18.32 9.75
N ILE A 349 -34.99 -18.63 10.52
CA ILE A 349 -35.17 -19.17 11.86
C ILE A 349 -35.01 -18.06 12.89
N LEU A 350 -34.22 -17.03 12.55
CA LEU A 350 -34.11 -15.89 13.45
C LEU A 350 -35.45 -15.18 13.58
N GLY A 351 -36.19 -15.06 12.48
CA GLY A 351 -37.53 -14.50 12.57
C GLY A 351 -38.44 -15.32 13.47
N SER A 352 -38.28 -16.65 13.44
CA SER A 352 -39.05 -17.50 14.35
C SER A 352 -38.65 -17.24 15.80
N VAL A 353 -37.37 -17.02 16.05
CA VAL A 353 -36.91 -16.72 17.41
C VAL A 353 -37.52 -15.40 17.88
N TYR A 354 -37.51 -14.39 17.02
CA TYR A 354 -38.09 -13.08 17.33
C TYR A 354 -39.50 -13.05 16.76
N LYS A 355 -40.41 -13.76 17.44
CA LYS A 355 -41.77 -13.92 16.94
C LYS A 355 -42.57 -12.63 16.97
N ASN A 356 -42.11 -11.61 17.70
CA ASN A 356 -42.88 -10.39 17.87
C ASN A 356 -42.16 -9.14 17.34
N THR A 357 -41.28 -9.32 16.35
CA THR A 357 -40.60 -8.19 15.73
C THR A 357 -40.90 -8.15 14.24
N ASP A 358 -40.60 -7.01 13.63
CA ASP A 358 -40.82 -6.82 12.20
C ASP A 358 -39.74 -7.55 11.41
N ILE A 359 -40.15 -8.31 10.41
CA ILE A 359 -39.20 -9.08 9.61
C ILE A 359 -38.27 -8.16 8.83
N ALA A 360 -38.81 -7.07 8.27
CA ALA A 360 -37.97 -6.14 7.52
C ALA A 360 -36.92 -5.50 8.42
N GLU A 361 -37.32 -5.07 9.62
CA GLU A 361 -36.34 -4.56 10.57
C GLU A 361 -35.29 -5.61 10.90
N LEU A 362 -35.71 -6.88 10.97
CA LEU A 362 -34.77 -7.95 11.31
C LEU A 362 -33.72 -8.12 10.22
N VAL A 363 -34.15 -8.16 8.94
CA VAL A 363 -33.15 -8.30 7.88
C VAL A 363 -32.27 -7.06 7.79
N ARG A 364 -32.84 -5.89 8.07
CA ARG A 364 -32.03 -4.67 8.09
C ARG A 364 -30.95 -4.77 9.15
N SER A 365 -31.31 -5.19 10.36
CA SER A 365 -30.33 -5.30 11.43
C SER A 365 -29.30 -6.37 11.12
N TYR A 366 -29.72 -7.48 10.51
CA TYR A 366 -28.78 -8.53 10.15
C TYR A 366 -27.77 -8.03 9.13
N TYR A 367 -28.24 -7.28 8.13
CA TYR A 367 -27.33 -6.68 7.16
C TYR A 367 -26.36 -5.74 7.86
N GLU A 368 -26.87 -4.91 8.77
CA GLU A 368 -25.99 -3.98 9.47
C GLU A 368 -24.92 -4.71 10.26
N PHE A 369 -25.29 -5.81 10.91
CA PHE A 369 -24.33 -6.53 11.76
C PHE A 369 -23.29 -7.28 10.91
N LEU A 370 -23.74 -7.99 9.89
CA LEU A 370 -22.85 -8.98 9.28
C LEU A 370 -21.90 -8.35 8.26
N ILE A 371 -22.38 -7.40 7.47
CA ILE A 371 -21.58 -6.86 6.37
C ILE A 371 -20.89 -5.56 6.78
N THR A 372 -21.69 -4.55 7.09
CA THR A 372 -21.13 -3.21 7.31
C THR A 372 -20.45 -3.07 8.67
N LYS A 373 -20.95 -3.74 9.70
CA LYS A 373 -20.47 -3.57 11.07
C LYS A 373 -20.54 -2.11 11.49
N LYS A 374 -21.61 -1.43 11.08
CA LYS A 374 -21.74 -0.01 11.35
C LYS A 374 -21.93 0.27 12.85
N TYR A 375 -22.78 -0.52 13.50
CA TYR A 375 -23.10 -0.32 14.91
C TYR A 375 -22.36 -1.28 15.83
N LYS A 376 -21.31 -1.93 15.33
CA LYS A 376 -20.53 -2.87 16.13
C LYS A 376 -19.56 -2.09 17.01
N ASN A 377 -18.55 -2.79 17.55
CA ASN A 377 -17.47 -2.21 18.35
C ASN A 377 -17.99 -1.48 19.60
N MET A 378 -19.05 -2.04 20.19
CA MET A 378 -19.70 -1.41 21.33
C MET A 378 -18.76 -1.21 22.52
N GLY A 379 -17.65 -1.95 22.58
CA GLY A 379 -16.68 -1.75 23.64
C GLY A 379 -16.30 -3.01 24.38
N PHE A 380 -16.61 -4.16 23.77
CA PHE A 380 -16.21 -5.45 24.32
C PHE A 380 -16.26 -6.48 23.22
N SER A 381 -15.48 -7.55 23.40
CA SER A 381 -15.42 -8.62 22.40
C SER A 381 -16.62 -9.54 22.62
N ILE A 382 -17.61 -9.43 21.72
CA ILE A 382 -18.79 -10.29 21.81
C ILE A 382 -18.39 -11.75 21.65
N LYS A 383 -17.34 -12.02 20.87
CA LYS A 383 -16.87 -13.38 20.69
C LYS A 383 -16.42 -13.99 22.01
N LYS A 384 -15.67 -13.22 22.81
CA LYS A 384 -15.25 -13.70 24.12
C LYS A 384 -16.45 -13.92 25.03
N LEU A 385 -17.44 -13.03 24.96
CA LEU A 385 -18.65 -13.21 25.76
C LEU A 385 -19.35 -14.51 25.39
N ARG A 386 -19.48 -14.79 24.10
CA ARG A 386 -20.12 -16.03 23.67
C ARG A 386 -19.32 -17.24 24.12
N GLU A 387 -17.99 -17.18 24.02
CA GLU A 387 -17.16 -18.29 24.45
C GLU A 387 -17.32 -18.56 25.94
N SER A 388 -17.34 -17.49 26.75
CA SER A 388 -17.52 -17.67 28.18
C SER A 388 -18.93 -18.12 28.54
N MET A 389 -19.93 -17.73 27.75
CA MET A 389 -21.31 -18.11 28.02
C MET A 389 -21.57 -19.57 27.68
N LEU A 390 -21.05 -20.04 26.55
CA LEU A 390 -21.31 -21.40 26.11
C LEU A 390 -20.41 -22.44 26.77
N GLU A 391 -19.38 -22.01 27.48
CA GLU A 391 -18.46 -22.96 28.10
C GLU A 391 -19.16 -23.78 29.16
N GLY A 392 -18.84 -25.07 29.21
CA GLY A 392 -19.40 -25.96 30.20
C GLY A 392 -20.76 -26.53 29.87
N LYS A 393 -21.32 -26.20 28.71
CA LYS A 393 -22.60 -26.74 28.30
C LYS A 393 -22.40 -27.85 27.27
N GLY A 394 -23.50 -28.48 26.86
CA GLY A 394 -23.41 -29.59 25.94
C GLY A 394 -23.12 -29.21 24.51
N TYR A 395 -23.19 -27.92 24.17
CA TYR A 395 -22.99 -27.49 22.79
C TYR A 395 -21.54 -27.62 22.34
N ALA A 396 -20.61 -27.91 23.25
CA ALA A 396 -19.24 -28.16 22.86
C ALA A 396 -19.03 -29.58 22.34
N ASP A 397 -20.05 -30.42 22.39
CA ASP A 397 -19.92 -31.81 21.97
C ASP A 397 -19.75 -31.88 20.46
N LYS A 398 -19.39 -33.08 19.98
CA LYS A 398 -19.01 -33.26 18.59
C LYS A 398 -20.20 -33.33 17.64
N GLU A 399 -21.39 -33.66 18.14
CA GLU A 399 -22.54 -33.85 17.25
C GLU A 399 -22.90 -32.55 16.54
N TYR A 400 -22.89 -31.44 17.25
CA TYR A 400 -23.28 -30.15 16.67
C TYR A 400 -22.16 -29.50 15.88
N ASP A 401 -21.09 -30.23 15.56
CA ASP A 401 -19.99 -29.64 14.81
C ASP A 401 -20.37 -29.36 13.37
N SER A 402 -21.35 -30.09 12.82
CA SER A 402 -21.75 -29.88 11.43
C SER A 402 -22.34 -28.48 11.23
N VAL A 403 -23.17 -28.03 12.16
CA VAL A 403 -23.83 -26.73 12.08
C VAL A 403 -23.24 -25.74 13.08
N ARG A 404 -22.02 -26.00 13.55
CA ARG A 404 -21.46 -25.24 14.65
C ARG A 404 -21.28 -23.77 14.28
N ASN A 405 -20.80 -23.50 13.07
CA ASN A 405 -20.57 -22.12 12.65
C ASN A 405 -21.86 -21.32 12.62
N LYS A 406 -22.93 -21.92 12.06
CA LYS A 406 -24.21 -21.25 12.06
C LYS A 406 -24.72 -21.02 13.49
N LEU A 407 -24.45 -21.97 14.39
CA LEU A 407 -24.87 -21.81 15.77
C LEU A 407 -24.16 -20.62 16.42
N TYR A 408 -22.85 -20.50 16.21
CA TYR A 408 -22.14 -19.34 16.75
C TYR A 408 -22.64 -18.04 16.14
N GLN A 409 -22.91 -18.04 14.84
CA GLN A 409 -23.40 -16.81 14.20
C GLN A 409 -24.74 -16.40 14.79
N MET A 410 -25.65 -17.35 14.95
CA MET A 410 -26.96 -17.05 15.53
C MET A 410 -26.82 -16.54 16.95
N THR A 411 -25.99 -17.20 17.77
CA THR A 411 -25.84 -16.78 19.15
C THR A 411 -25.25 -15.38 19.24
N ASP A 412 -24.23 -15.10 18.42
CA ASP A 412 -23.62 -13.77 18.44
C ASP A 412 -24.62 -12.70 18.02
N PHE A 413 -25.41 -12.99 16.98
CA PHE A 413 -26.40 -12.01 16.55
C PHE A 413 -27.46 -11.79 17.63
N ILE A 414 -27.87 -12.85 18.30
CA ILE A 414 -28.86 -12.71 19.38
C ILE A 414 -28.29 -11.83 20.49
N LEU A 415 -27.03 -12.08 20.88
CA LEU A 415 -26.40 -11.28 21.92
C LEU A 415 -26.35 -9.81 21.52
N TYR A 416 -25.91 -9.55 20.29
CA TYR A 416 -25.82 -8.18 19.79
C TYR A 416 -27.19 -7.50 19.83
N THR A 417 -28.20 -8.15 19.24
CA THR A 417 -29.52 -7.53 19.13
C THR A 417 -30.09 -7.25 20.52
N GLY A 418 -29.93 -8.18 21.45
CA GLY A 418 -30.35 -7.91 22.81
C GLY A 418 -29.61 -6.74 23.43
N TYR A 419 -28.32 -6.60 23.09
CA TYR A 419 -27.52 -5.55 23.73
C TYR A 419 -27.89 -4.17 23.20
N ILE A 420 -28.11 -4.05 21.88
CA ILE A 420 -28.31 -2.72 21.28
C ILE A 420 -29.66 -2.14 21.70
N ASN A 421 -30.70 -2.95 21.76
CA ASN A 421 -32.05 -2.45 22.00
C ASN A 421 -32.31 -2.19 23.48
N GLU A 422 -32.19 -3.22 24.32
CA GLU A 422 -32.57 -3.13 25.72
C GLU A 422 -31.37 -3.05 26.64
N ASP A 423 -30.35 -3.88 26.41
CA ASP A 423 -29.20 -3.94 27.30
C ASP A 423 -28.18 -2.85 26.97
N SER A 424 -28.65 -1.60 27.03
CA SER A 424 -27.80 -0.45 26.79
C SER A 424 -27.09 0.02 28.06
N ASP A 425 -27.83 0.17 29.16
CA ASP A 425 -27.22 0.56 30.42
C ASP A 425 -26.25 -0.51 30.91
N ARG A 426 -26.60 -1.79 30.72
CA ARG A 426 -25.69 -2.86 31.10
C ARG A 426 -24.42 -2.81 30.27
N ALA A 427 -24.54 -2.54 28.97
CA ALA A 427 -23.36 -2.42 28.12
C ALA A 427 -22.50 -1.24 28.56
N ASP A 428 -23.12 -0.11 28.89
CA ASP A 428 -22.37 1.04 29.35
C ASP A 428 -21.63 0.73 30.66
N ASP A 429 -22.29 0.05 31.59
CA ASP A 429 -21.64 -0.32 32.85
C ASP A 429 -20.49 -1.28 32.60
N LEU A 430 -20.68 -2.25 31.71
CA LEU A 430 -19.61 -3.18 31.38
C LEU A 430 -18.42 -2.46 30.78
N VAL A 431 -18.67 -1.51 29.87
CA VAL A 431 -17.59 -0.74 29.26
C VAL A 431 -16.85 0.08 30.31
N ASN A 432 -17.59 0.72 31.22
CA ASN A 432 -16.95 1.51 32.26
C ASN A 432 -16.09 0.63 33.17
N THR A 433 -16.60 -0.53 33.55
CA THR A 433 -15.82 -1.43 34.40
C THR A 433 -14.57 -1.93 33.68
N LEU A 434 -14.69 -2.24 32.39
CA LEU A 434 -13.52 -2.66 31.62
C LEU A 434 -12.48 -1.55 31.55
N ARG A 435 -12.92 -0.31 31.34
CA ARG A 435 -11.98 0.80 31.24
C ARG A 435 -11.33 1.13 32.57
N SER A 436 -12.05 0.99 33.69
CA SER A 436 -11.54 1.41 34.99
C SER A 436 -10.45 0.50 35.53
N SER A 437 -10.35 -0.74 35.08
CA SER A 437 -9.40 -1.70 35.62
C SER A 437 -8.30 -1.98 34.59
N LEU A 438 -7.24 -2.63 35.06
CA LEU A 438 -6.10 -2.95 34.21
C LEU A 438 -5.73 -4.42 34.29
N LYS A 439 -5.87 -5.02 35.47
CA LYS A 439 -5.46 -6.40 35.67
C LYS A 439 -6.32 -7.34 34.83
N GLU A 440 -5.68 -8.37 34.27
CA GLU A 440 -6.39 -9.31 33.41
C GLU A 440 -7.31 -10.22 34.21
N ASP A 441 -6.95 -10.53 35.45
CA ASP A 441 -7.79 -11.40 36.27
C ASP A 441 -9.16 -10.77 36.51
N ASP A 442 -9.17 -9.47 36.85
CA ASP A 442 -10.44 -8.78 37.00
C ASP A 442 -11.19 -8.72 35.68
N LYS A 443 -10.47 -8.57 34.57
CA LYS A 443 -11.12 -8.53 33.27
C LYS A 443 -11.86 -9.82 32.97
N THR A 444 -11.19 -10.96 33.12
CA THR A 444 -11.85 -12.23 32.82
C THR A 444 -12.92 -12.56 33.86
N THR A 445 -12.72 -12.14 35.12
CA THR A 445 -13.77 -12.35 36.12
C THR A 445 -15.03 -11.57 35.78
N VAL A 446 -14.88 -10.32 35.33
CA VAL A 446 -16.04 -9.52 34.95
C VAL A 446 -16.70 -10.11 33.71
N TYR A 447 -15.89 -10.59 32.76
CA TYR A 447 -16.45 -11.23 31.57
C TYR A 447 -17.30 -12.45 31.96
N CYS A 448 -16.77 -13.30 32.85
CA CYS A 448 -17.52 -14.47 33.29
C CYS A 448 -18.77 -14.06 34.07
N LYS A 449 -18.67 -13.01 34.88
CA LYS A 449 -19.82 -12.54 35.64
C LYS A 449 -20.95 -12.10 34.73
N GLU A 450 -20.61 -11.36 33.66
CA GLU A 450 -21.65 -10.98 32.70
C GLU A 450 -22.15 -12.19 31.93
N ALA A 451 -21.26 -13.13 31.61
CA ALA A 451 -21.66 -14.30 30.84
C ALA A 451 -22.66 -15.16 31.58
N ASP A 452 -22.50 -15.29 32.91
CA ASP A 452 -23.44 -16.08 33.68
C ASP A 452 -24.86 -15.51 33.59
N TYR A 453 -24.99 -14.20 33.79
CA TYR A 453 -26.29 -13.56 33.68
C TYR A 453 -26.85 -13.67 32.27
N LEU A 454 -26.00 -13.49 31.26
CA LEU A 454 -26.47 -13.57 29.89
C LEU A 454 -26.98 -14.98 29.56
N TRP A 455 -26.27 -16.01 30.03
CA TRP A 455 -26.74 -17.38 29.84
C TRP A 455 -28.06 -17.61 30.55
N LYS A 456 -28.18 -17.12 31.79
CA LYS A 456 -29.44 -17.29 32.52
C LYS A 456 -30.60 -16.65 31.78
N LYS A 457 -30.36 -15.50 31.16
CA LYS A 457 -31.45 -14.82 30.46
C LYS A 457 -31.76 -15.46 29.12
N TYR A 458 -30.75 -15.94 28.40
CA TYR A 458 -30.91 -16.37 27.01
C TYR A 458 -30.87 -17.88 26.84
N ARG A 459 -31.00 -18.65 27.93
CA ARG A 459 -30.85 -20.10 27.81
C ARG A 459 -31.87 -20.71 26.87
N GLU A 460 -33.13 -20.27 26.95
CA GLU A 460 -34.17 -20.89 26.13
C GLU A 460 -33.97 -20.60 24.65
N SER A 461 -33.59 -19.37 24.31
CA SER A 461 -33.53 -18.97 22.90
C SER A 461 -32.47 -19.76 22.14
N ILE A 462 -31.28 -19.90 22.72
CA ILE A 462 -30.23 -20.65 22.04
C ILE A 462 -30.60 -22.12 21.93
N ARG A 463 -31.31 -22.66 22.93
CA ARG A 463 -31.82 -24.02 22.80
C ARG A 463 -32.79 -24.14 21.64
N GLU A 464 -33.65 -23.13 21.47
CA GLU A 464 -34.57 -23.13 20.33
C GLU A 464 -33.80 -23.11 19.02
N VAL A 465 -32.75 -22.28 18.94
CA VAL A 465 -31.96 -22.21 17.72
C VAL A 465 -31.27 -23.54 17.44
N ALA A 466 -30.68 -24.15 18.47
CA ALA A 466 -29.86 -25.35 18.26
C ALA A 466 -30.70 -26.51 17.75
N ASP A 467 -31.84 -26.78 18.39
CA ASP A 467 -32.66 -27.91 18.00
C ASP A 467 -33.36 -27.68 16.66
N ALA A 468 -33.40 -26.44 16.18
CA ALA A 468 -34.01 -26.14 14.90
C ALA A 468 -32.99 -26.13 13.75
N LEU A 469 -31.74 -26.49 14.03
CA LEU A 469 -30.70 -26.47 13.01
C LEU A 469 -30.06 -27.84 12.86
N ASP A 470 -30.87 -28.89 12.81
CA ASP A 470 -30.37 -30.27 12.79
C ASP A 470 -30.65 -30.91 11.44
N GLY A 471 -29.58 -31.39 10.80
CA GLY A 471 -29.65 -32.24 9.63
C GLY A 471 -30.65 -31.88 8.55
N ASP A 472 -31.60 -32.80 8.30
CA ASP A 472 -32.50 -32.66 7.17
C ASP A 472 -33.44 -31.46 7.30
N ASN A 473 -33.59 -30.89 8.49
CA ASN A 473 -34.42 -29.71 8.63
C ASN A 473 -33.87 -28.54 7.82
N ILE A 474 -32.55 -28.52 7.61
CA ILE A 474 -31.96 -27.47 6.79
C ILE A 474 -32.41 -27.60 5.35
N LYS A 475 -32.54 -28.84 4.85
CA LYS A 475 -33.00 -29.05 3.48
C LYS A 475 -34.43 -28.54 3.30
N LYS A 476 -35.30 -28.80 4.28
CA LYS A 476 -36.65 -28.26 4.21
C LYS A 476 -36.63 -26.75 4.23
N LEU A 477 -35.74 -26.16 5.03
CA LEU A 477 -35.64 -24.71 5.10
C LEU A 477 -35.20 -24.12 3.77
N SER A 478 -34.26 -24.78 3.09
CA SER A 478 -33.71 -24.23 1.86
C SER A 478 -34.73 -24.24 0.73
N LYS A 479 -35.40 -25.37 0.52
CA LYS A 479 -36.28 -25.51 -0.63
C LYS A 479 -37.48 -24.56 -0.56
N SER A 480 -37.85 -24.09 0.63
CA SER A 480 -38.96 -23.16 0.75
C SER A 480 -38.52 -21.75 0.33
N ASN A 481 -39.49 -20.97 -0.11
CA ASN A 481 -39.24 -19.61 -0.57
C ASN A 481 -39.55 -18.60 0.51
N ILE A 482 -39.19 -17.34 0.26
CA ILE A 482 -39.43 -16.26 1.20
C ILE A 482 -39.69 -14.98 0.41
N GLU A 483 -40.58 -14.15 0.94
CA GLU A 483 -41.11 -12.97 0.23
C GLU A 483 -40.98 -11.72 1.09
N ILE A 484 -39.79 -11.46 1.62
CA ILE A 484 -39.59 -10.29 2.45
C ILE A 484 -39.82 -9.02 1.63
N GLN A 485 -40.11 -7.93 2.33
CA GLN A 485 -40.24 -6.61 1.72
C GLN A 485 -38.88 -5.93 1.71
N GLU A 486 -38.45 -5.45 0.54
CA GLU A 486 -37.12 -4.89 0.36
C GLU A 486 -37.09 -3.37 0.51
N ASP A 487 -38.22 -2.73 0.81
CA ASP A 487 -38.24 -1.27 0.90
C ASP A 487 -37.34 -0.77 2.02
N LYS A 488 -37.46 -1.37 3.21
CA LYS A 488 -36.70 -0.90 4.35
C LYS A 488 -35.23 -1.29 4.29
N LEU A 489 -34.91 -2.36 3.57
CA LEU A 489 -33.53 -2.84 3.53
C LEU A 489 -32.64 -1.98 2.63
N ARG A 490 -33.18 -1.48 1.52
CA ARG A 490 -32.36 -0.79 0.53
C ARG A 490 -31.78 0.52 1.05
N LYS A 491 -32.31 1.06 2.15
CA LYS A 491 -31.77 2.29 2.70
C LYS A 491 -30.33 2.12 3.16
N CYS A 492 -30.00 0.97 3.74
CA CYS A 492 -28.67 0.70 4.26
C CYS A 492 -27.81 -0.10 3.28
N PHE A 493 -28.26 -0.27 2.05
CA PHE A 493 -27.43 -0.92 1.03
C PHE A 493 -26.17 -0.10 0.78
N ILE A 494 -25.06 -0.80 0.55
CA ILE A 494 -23.86 -0.12 0.11
C ILE A 494 -24.08 0.41 -1.30
N SER A 495 -23.44 1.55 -1.60
CA SER A 495 -23.71 2.24 -2.86
C SER A 495 -23.32 1.37 -4.05
N TYR A 496 -24.15 1.42 -5.09
CA TYR A 496 -23.88 0.71 -6.33
C TYR A 496 -22.86 1.50 -7.16
N ALA A 497 -22.63 1.06 -8.39
CA ALA A 497 -21.69 1.77 -9.27
C ALA A 497 -22.28 3.05 -9.83
N ASP A 498 -23.60 3.24 -9.72
CA ASP A 498 -24.22 4.43 -10.29
C ASP A 498 -23.91 5.69 -9.50
N SER A 499 -23.66 5.56 -8.20
CA SER A 499 -23.41 6.69 -7.32
C SER A 499 -22.04 6.57 -6.65
N VAL A 500 -21.03 6.17 -7.42
CA VAL A 500 -19.67 6.02 -6.94
C VAL A 500 -18.75 6.84 -7.83
N SER A 501 -17.77 7.50 -7.21
CA SER A 501 -16.87 8.36 -7.95
C SER A 501 -15.89 7.54 -8.78
N GLU A 502 -15.37 8.16 -9.83
CA GLU A 502 -14.47 7.46 -10.75
C GLU A 502 -13.13 7.15 -10.09
N PHE A 503 -12.67 7.98 -9.17
CA PHE A 503 -11.39 7.74 -8.53
C PHE A 503 -11.40 6.44 -7.74
N THR A 504 -12.46 6.21 -6.96
CA THR A 504 -12.56 4.97 -6.20
C THR A 504 -12.69 3.77 -7.11
N LYS A 505 -13.41 3.90 -8.22
CA LYS A 505 -13.52 2.79 -9.17
C LYS A 505 -12.17 2.44 -9.77
N LEU A 506 -11.40 3.45 -10.18
CA LEU A 506 -10.08 3.19 -10.73
C LEU A 506 -9.18 2.55 -9.68
N ILE A 507 -9.27 3.03 -8.43
CA ILE A 507 -8.47 2.44 -7.36
C ILE A 507 -8.83 0.98 -7.18
N TYR A 508 -10.13 0.66 -7.18
CA TYR A 508 -10.55 -0.73 -7.03
C TYR A 508 -10.03 -1.59 -8.18
N LEU A 509 -10.07 -1.06 -9.41
CA LEU A 509 -9.52 -1.79 -10.53
C LEU A 509 -8.03 -2.05 -10.35
N LEU A 510 -7.32 -1.10 -9.75
CA LEU A 510 -5.89 -1.25 -9.50
C LEU A 510 -5.62 -2.41 -8.55
N THR A 511 -6.39 -2.51 -7.46
CA THR A 511 -6.13 -3.52 -6.44
C THR A 511 -6.54 -4.92 -6.88
N ARG A 512 -7.16 -5.08 -8.04
CA ARG A 512 -7.47 -6.43 -8.52
C ARG A 512 -6.21 -7.21 -8.86
N PHE A 513 -5.06 -6.55 -8.95
CA PHE A 513 -3.80 -7.20 -9.31
C PHE A 513 -2.80 -7.23 -8.16
N LEU A 514 -3.22 -6.92 -6.94
CA LEU A 514 -2.33 -6.86 -5.79
C LEU A 514 -2.67 -7.97 -4.80
N SER A 515 -1.73 -8.21 -3.89
CA SER A 515 -1.90 -9.19 -2.84
C SER A 515 -2.70 -8.59 -1.68
N GLY A 516 -2.96 -9.40 -0.65
CA GLY A 516 -3.71 -8.92 0.49
C GLY A 516 -2.96 -7.86 1.28
N LYS A 517 -1.67 -8.09 1.53
CA LYS A 517 -0.89 -7.09 2.25
C LYS A 517 -0.84 -5.78 1.47
N GLU A 518 -0.61 -5.87 0.16
CA GLU A 518 -0.56 -4.67 -0.66
C GLU A 518 -1.92 -3.97 -0.71
N ILE A 519 -3.00 -4.75 -0.82
CA ILE A 519 -4.34 -4.15 -0.86
C ILE A 519 -4.61 -3.40 0.43
N ASN A 520 -4.27 -4.00 1.57
CA ASN A 520 -4.52 -3.35 2.85
C ASN A 520 -3.67 -2.11 3.00
N ASP A 521 -2.38 -2.20 2.65
CA ASP A 521 -1.50 -1.04 2.78
C ASP A 521 -2.00 0.12 1.91
N LEU A 522 -2.34 -0.17 0.65
CA LEU A 522 -2.83 0.88 -0.23
C LEU A 522 -4.07 1.55 0.34
N VAL A 523 -5.07 0.74 0.71
CA VAL A 523 -6.33 1.32 1.16
C VAL A 523 -6.11 2.13 2.43
N THR A 524 -5.38 1.57 3.41
CA THR A 524 -5.21 2.24 4.68
C THR A 524 -4.42 3.55 4.53
N THR A 525 -3.35 3.53 3.73
CA THR A 525 -2.60 4.76 3.51
C THR A 525 -3.45 5.80 2.82
N LEU A 526 -4.29 5.39 1.86
CA LEU A 526 -5.17 6.35 1.20
C LEU A 526 -6.14 6.98 2.18
N ILE A 527 -6.76 6.17 3.05
CA ILE A 527 -7.68 6.73 4.04
C ILE A 527 -6.94 7.66 4.99
N ASN A 528 -5.74 7.28 5.42
CA ASN A 528 -4.99 8.13 6.33
C ASN A 528 -4.65 9.48 5.69
N LYS A 529 -4.18 9.46 4.45
CA LYS A 529 -3.84 10.69 3.77
C LYS A 529 -5.06 11.57 3.56
N PHE A 530 -6.18 10.97 3.16
CA PHE A 530 -7.38 11.77 2.93
C PHE A 530 -7.93 12.33 4.24
N ASP A 531 -7.82 11.57 5.33
CA ASP A 531 -8.24 12.09 6.62
C ASP A 531 -7.36 13.25 7.05
N ASN A 532 -6.05 13.15 6.82
CA ASN A 532 -5.17 14.27 7.12
C ASN A 532 -5.54 15.50 6.29
N ILE A 533 -5.85 15.29 5.01
CA ILE A 533 -6.24 16.41 4.16
C ILE A 533 -7.53 17.04 4.67
N ARG A 534 -8.49 16.22 5.08
CA ARG A 534 -9.75 16.78 5.60
C ARG A 534 -9.50 17.55 6.88
N SER A 535 -8.68 17.03 7.78
CA SER A 535 -8.40 17.73 9.03
C SER A 535 -7.71 19.06 8.76
N PHE A 536 -6.75 19.06 7.82
CA PHE A 536 -6.09 20.32 7.47
C PHE A 536 -7.06 21.30 6.85
N LEU A 537 -7.97 20.82 6.00
CA LEU A 537 -8.98 21.70 5.41
C LEU A 537 -9.87 22.31 6.48
N GLU A 538 -10.31 21.50 7.44
CA GLU A 538 -11.17 22.01 8.49
C GLU A 538 -10.46 23.04 9.35
N ILE A 539 -9.22 22.75 9.73
CA ILE A 539 -8.51 23.70 10.59
C ILE A 539 -8.20 24.97 9.81
N MET A 540 -7.93 24.85 8.51
CA MET A 540 -7.78 26.01 7.65
C MET A 540 -9.04 26.85 7.66
N ASP A 541 -10.21 26.20 7.62
CA ASP A 541 -11.47 26.91 7.74
C ASP A 541 -11.57 27.63 9.08
N GLU A 542 -11.09 27.00 10.15
CA GLU A 542 -11.18 27.60 11.47
C GLU A 542 -10.44 28.93 11.54
N LEU A 543 -9.24 28.99 10.96
CA LEU A 543 -8.47 30.23 11.02
C LEU A 543 -9.16 31.35 10.25
N GLY A 544 -9.75 31.03 9.10
CA GLY A 544 -10.44 32.02 8.30
C GLY A 544 -9.72 32.50 7.07
N LEU A 545 -8.59 31.89 6.71
CA LEU A 545 -7.87 32.27 5.52
C LEU A 545 -8.52 31.68 4.27
N ASP A 546 -8.08 32.17 3.12
CA ASP A 546 -8.55 31.62 1.85
C ASP A 546 -7.98 30.22 1.65
N ARG A 547 -8.79 29.34 1.05
CA ARG A 547 -8.36 27.97 0.80
C ARG A 547 -8.73 27.47 -0.59
N THR A 548 -9.59 28.17 -1.32
CA THR A 548 -10.20 27.63 -2.53
C THR A 548 -9.14 27.23 -3.54
N PHE A 549 -9.22 25.99 -4.01
CA PHE A 549 -8.24 25.45 -4.94
C PHE A 549 -8.42 26.06 -6.33
N THR A 550 -7.44 25.83 -7.19
CA THR A 550 -7.52 26.28 -8.57
C THR A 550 -8.57 25.48 -9.33
N ALA A 551 -8.88 25.96 -10.53
CA ALA A 551 -9.95 25.35 -11.34
C ALA A 551 -9.63 23.91 -11.69
N GLU A 552 -8.38 23.64 -12.09
CA GLU A 552 -8.02 22.29 -12.54
C GLU A 552 -7.62 21.37 -11.41
N TYR A 553 -7.67 21.82 -10.15
CA TYR A 553 -7.39 20.97 -9.00
C TYR A 553 -8.54 20.98 -8.01
N SER A 554 -9.78 21.00 -8.52
CA SER A 554 -10.95 21.00 -7.66
C SER A 554 -11.32 19.60 -7.17
N PHE A 555 -10.58 18.57 -7.58
CA PHE A 555 -10.89 17.21 -7.17
C PHE A 555 -10.78 17.05 -5.66
N PHE A 556 -9.86 17.77 -5.02
CA PHE A 556 -9.66 17.66 -3.59
C PHE A 556 -10.62 18.51 -2.78
N GLU A 557 -11.49 19.27 -3.44
CA GLU A 557 -12.45 20.10 -2.71
C GLU A 557 -13.40 19.23 -1.89
N GLY A 558 -13.87 18.12 -2.46
CA GLY A 558 -14.73 17.21 -1.76
C GLY A 558 -13.97 16.08 -1.07
N SER A 559 -13.00 16.45 -0.23
CA SER A 559 -12.17 15.43 0.41
C SER A 559 -12.99 14.57 1.36
N THR A 560 -13.98 15.14 2.04
CA THR A 560 -14.79 14.37 2.98
C THR A 560 -15.55 13.26 2.26
N LYS A 561 -16.11 13.56 1.09
CA LYS A 561 -16.86 12.57 0.34
C LYS A 561 -15.96 11.40 -0.05
N TYR A 562 -14.75 11.71 -0.55
CA TYR A 562 -13.83 10.65 -0.92
C TYR A 562 -13.37 9.85 0.29
N LEU A 563 -13.18 10.52 1.43
CA LEU A 563 -12.78 9.80 2.63
C LEU A 563 -13.84 8.80 3.06
N ALA A 564 -15.10 9.26 3.13
CA ALA A 564 -16.18 8.35 3.50
C ALA A 564 -16.34 7.23 2.48
N GLU A 565 -16.19 7.55 1.20
CA GLU A 565 -16.33 6.55 0.15
C GLU A 565 -15.25 5.48 0.26
N LEU A 566 -14.01 5.90 0.52
CA LEU A 566 -12.93 4.95 0.70
C LEU A 566 -13.11 4.11 1.96
N VAL A 567 -13.62 4.72 3.03
CA VAL A 567 -13.91 3.96 4.25
C VAL A 567 -14.94 2.87 3.94
N GLU A 568 -15.98 3.22 3.18
CA GLU A 568 -16.98 2.22 2.79
C GLU A 568 -16.36 1.13 1.92
N LEU A 569 -15.48 1.52 0.99
CA LEU A 569 -14.86 0.53 0.11
C LEU A 569 -14.00 -0.44 0.91
N ASN A 570 -13.29 0.05 1.93
CA ASN A 570 -12.41 -0.81 2.69
C ASN A 570 -13.16 -1.93 3.41
N SER A 571 -14.46 -1.79 3.61
CA SER A 571 -15.22 -2.78 4.37
C SER A 571 -15.29 -4.12 3.64
N PHE A 572 -15.40 -4.11 2.32
CA PHE A 572 -15.65 -5.32 1.57
C PHE A 572 -14.57 -5.64 0.53
N VAL A 573 -13.47 -4.89 0.51
CA VAL A 573 -12.41 -5.16 -0.45
C VAL A 573 -11.73 -6.47 -0.10
N LYS A 574 -11.50 -7.30 -1.11
CA LYS A 574 -10.92 -8.63 -0.92
C LYS A 574 -9.97 -8.94 -2.07
N SER A 575 -9.11 -9.94 -1.85
CA SER A 575 -8.18 -10.36 -2.88
C SER A 575 -8.94 -10.92 -4.08
N CYS A 576 -8.33 -10.78 -5.26
CA CYS A 576 -8.99 -11.19 -6.48
C CYS A 576 -9.20 -12.70 -6.52
N SER A 577 -10.43 -13.11 -6.80
CA SER A 577 -10.78 -14.52 -6.86
C SER A 577 -10.21 -15.16 -8.11
N PHE A 578 -10.07 -16.49 -8.06
CA PHE A 578 -9.40 -17.24 -9.11
C PHE A 578 -10.41 -18.06 -9.91
N ASP A 579 -10.15 -18.18 -11.20
CA ASP A 579 -11.09 -18.85 -12.09
C ASP A 579 -11.12 -20.35 -11.83
N ILE A 580 -12.32 -20.93 -11.84
CA ILE A 580 -12.46 -22.37 -11.61
C ILE A 580 -11.82 -23.16 -12.74
N ASN A 581 -12.05 -22.74 -13.99
CA ASN A 581 -11.53 -23.47 -15.14
C ASN A 581 -10.02 -23.40 -15.25
N ALA A 582 -9.36 -22.53 -14.49
CA ALA A 582 -7.91 -22.40 -14.56
C ALA A 582 -7.17 -23.55 -13.88
N LYS A 583 -7.89 -24.46 -13.21
CA LYS A 583 -7.23 -25.50 -12.43
C LYS A 583 -6.33 -26.37 -13.30
N ARG A 584 -6.74 -26.63 -14.55
CA ARG A 584 -5.92 -27.44 -15.44
C ARG A 584 -4.57 -26.78 -15.68
N THR A 585 -4.57 -25.46 -15.89
CA THR A 585 -3.31 -24.75 -16.07
C THR A 585 -2.46 -24.78 -14.81
N MET A 586 -3.10 -24.81 -13.63
CA MET A 586 -2.36 -24.85 -12.37
C MET A 586 -1.50 -26.11 -12.27
N TYR A 587 -2.04 -27.25 -12.69
CA TYR A 587 -1.32 -28.50 -12.52
C TYR A 587 -0.04 -28.53 -13.34
N ARG A 588 -0.07 -27.94 -14.54
CA ARG A 588 1.13 -27.91 -15.37
C ARG A 588 2.13 -26.89 -14.85
N ASP A 589 1.66 -25.75 -14.36
CA ASP A 589 2.58 -24.73 -13.84
C ASP A 589 3.18 -25.16 -12.51
N ALA A 590 2.37 -25.72 -11.62
CA ALA A 590 2.89 -26.25 -10.36
C ALA A 590 3.83 -27.42 -10.60
N LEU A 591 3.62 -28.16 -11.68
CA LEU A 591 4.53 -29.26 -12.01
C LEU A 591 5.92 -28.73 -12.32
N ASP A 592 6.00 -27.61 -13.04
CA ASP A 592 7.30 -27.05 -13.40
C ASP A 592 7.97 -26.34 -12.24
N ILE A 593 7.18 -25.70 -11.35
CA ILE A 593 7.77 -25.00 -10.22
C ILE A 593 8.41 -25.97 -9.23
N LEU A 594 8.10 -27.25 -9.33
CA LEU A 594 8.71 -28.27 -8.49
C LEU A 594 9.82 -29.03 -9.20
N GLY A 595 10.16 -28.65 -10.43
CA GLY A 595 11.25 -29.29 -11.13
C GLY A 595 10.98 -30.69 -11.60
N ILE A 596 9.71 -31.08 -11.73
CA ILE A 596 9.34 -32.42 -12.19
C ILE A 596 9.00 -32.30 -13.67
N GLU A 597 9.99 -32.55 -14.52
CA GLU A 597 9.83 -32.48 -15.95
C GLU A 597 9.52 -33.86 -16.53
N SER A 598 8.92 -33.86 -17.71
CA SER A 598 8.59 -35.10 -18.40
C SER A 598 9.82 -35.68 -19.09
N PHE A 632 -2.30 -35.32 -6.27
CA PHE A 632 -1.25 -35.17 -5.27
C PHE A 632 -0.91 -33.70 -5.10
N ILE A 633 0.01 -33.24 -5.95
CA ILE A 633 0.43 -31.84 -5.91
C ILE A 633 -0.74 -30.91 -6.18
N ALA A 634 -1.60 -31.26 -7.14
CA ALA A 634 -2.77 -30.44 -7.44
C ALA A 634 -3.71 -30.38 -6.25
N SER A 635 -3.92 -31.51 -5.58
CA SER A 635 -4.80 -31.52 -4.42
C SER A 635 -4.18 -30.85 -3.19
N ASN A 636 -2.86 -30.70 -3.16
CA ASN A 636 -2.19 -30.19 -1.97
C ASN A 636 -1.83 -28.71 -2.04
N VAL A 637 -1.06 -28.29 -3.05
CA VAL A 637 -0.46 -26.96 -3.03
C VAL A 637 -1.14 -25.96 -3.96
N ILE A 638 -2.07 -26.40 -4.80
CA ILE A 638 -2.76 -25.44 -5.67
C ILE A 638 -3.56 -24.44 -4.85
N ASP A 639 -4.28 -24.92 -3.84
CA ASP A 639 -5.08 -24.05 -3.00
C ASP A 639 -4.25 -23.16 -2.09
N SER A 640 -2.95 -23.41 -1.97
CA SER A 640 -2.11 -22.65 -1.05
C SER A 640 -2.04 -21.19 -1.46
N ASN A 641 -2.14 -20.30 -0.48
CA ASN A 641 -2.04 -18.87 -0.75
C ASN A 641 -0.64 -18.48 -1.21
N ARG A 642 0.40 -19.17 -0.72
CA ARG A 642 1.75 -18.89 -1.18
C ARG A 642 1.88 -19.15 -2.67
N PHE A 643 1.31 -20.24 -3.16
CA PHE A 643 1.35 -20.52 -4.59
C PHE A 643 0.60 -19.44 -5.36
N LYS A 644 -0.54 -18.99 -4.84
CA LYS A 644 -1.32 -17.98 -5.53
C LYS A 644 -0.56 -16.66 -5.64
N TYR A 645 0.14 -16.28 -4.58
CA TYR A 645 0.91 -15.03 -4.61
C TYR A 645 2.28 -15.20 -5.24
N LEU A 646 2.69 -16.42 -5.54
CA LEU A 646 3.96 -16.65 -6.23
C LEU A 646 3.79 -16.77 -7.73
N VAL A 647 2.72 -17.42 -8.18
CA VAL A 647 2.50 -17.59 -9.62
C VAL A 647 2.16 -16.27 -10.28
N ARG A 648 1.55 -15.34 -9.53
CA ARG A 648 1.18 -14.05 -10.09
C ARG A 648 2.42 -13.22 -10.43
N TYR A 649 3.38 -13.17 -9.51
CA TYR A 649 4.49 -12.24 -9.59
C TYR A 649 5.80 -12.88 -10.06
N GLY A 650 5.77 -14.13 -10.49
CA GLY A 650 7.01 -14.79 -10.88
C GLY A 650 6.78 -15.86 -11.92
N ASN A 651 7.77 -16.04 -12.79
CA ASN A 651 7.77 -17.15 -13.73
C ASN A 651 8.05 -18.43 -12.96
N PRO A 652 7.21 -19.46 -13.06
CA PRO A 652 7.48 -20.71 -12.33
C PRO A 652 8.84 -21.32 -12.63
N LYS A 653 9.27 -21.30 -13.89
CA LYS A 653 10.56 -21.87 -14.24
C LYS A 653 11.70 -21.09 -13.60
N LYS A 654 11.64 -19.76 -13.67
CA LYS A 654 12.69 -18.94 -13.09
C LYS A 654 12.73 -19.08 -11.58
N ILE A 655 11.55 -19.21 -10.95
CA ILE A 655 11.50 -19.45 -9.51
C ILE A 655 12.13 -20.79 -9.18
N ARG A 656 11.85 -21.81 -9.99
CA ARG A 656 12.45 -23.12 -9.75
C ARG A 656 13.96 -23.07 -9.87
N GLU A 657 14.48 -22.33 -10.86
CA GLU A 657 15.92 -22.28 -11.06
C GLU A 657 16.61 -21.45 -9.98
N THR A 658 15.97 -20.35 -9.54
CA THR A 658 16.61 -19.44 -8.61
C THR A 658 16.70 -20.00 -7.20
N ALA A 659 15.98 -21.07 -6.88
CA ALA A 659 16.09 -21.69 -5.58
C ALA A 659 17.32 -22.56 -5.45
N LYS A 660 18.02 -22.83 -6.55
CA LYS A 660 19.23 -23.63 -6.49
C LYS A 660 20.40 -22.87 -5.88
N CYS A 661 20.33 -21.55 -5.83
CA CYS A 661 21.39 -20.74 -5.23
C CYS A 661 21.36 -20.94 -3.72
N LYS A 662 22.31 -21.71 -3.19
CA LYS A 662 22.27 -22.09 -1.78
C LYS A 662 22.37 -20.91 -0.83
N PRO A 663 23.31 -19.97 -0.97
CA PRO A 663 23.38 -18.87 0.02
C PRO A 663 22.12 -18.03 0.08
N ALA A 664 21.47 -17.80 -1.05
CA ALA A 664 20.24 -17.00 -1.04
C ALA A 664 19.15 -17.66 -0.20
N VAL A 665 18.96 -18.97 -0.38
CA VAL A 665 17.99 -19.69 0.44
C VAL A 665 18.44 -19.73 1.89
N ARG A 666 19.75 -19.84 2.12
CA ARG A 666 20.26 -19.93 3.48
C ARG A 666 19.97 -18.65 4.26
N PHE A 667 20.13 -17.49 3.62
CA PHE A 667 19.95 -16.24 4.35
C PHE A 667 18.49 -16.00 4.72
N VAL A 668 17.57 -16.27 3.79
CA VAL A 668 16.18 -15.85 4.00
C VAL A 668 15.53 -16.64 5.13
N LEU A 669 15.85 -17.93 5.25
CA LEU A 669 15.23 -18.71 6.33
C LEU A 669 15.78 -18.37 7.70
N ASN A 670 16.74 -17.45 7.81
CA ASN A 670 17.21 -17.01 9.11
C ASN A 670 16.11 -16.29 9.88
N GLU A 671 15.31 -15.48 9.18
CA GLU A 671 14.23 -14.74 9.83
C GLU A 671 13.14 -15.65 10.36
N ILE A 672 13.09 -16.90 9.91
CA ILE A 672 12.04 -17.83 10.37
C ILE A 672 12.15 -18.02 11.87
N PRO A 673 11.06 -17.94 12.62
CA PRO A 673 11.15 -18.14 14.08
C PRO A 673 11.62 -19.54 14.41
N ASP A 674 12.26 -19.67 15.57
CA ASP A 674 12.93 -20.91 15.94
C ASP A 674 11.94 -22.07 16.01
N ALA A 675 10.76 -21.84 16.58
CA ALA A 675 9.80 -22.93 16.75
C ALA A 675 9.35 -23.49 15.41
N GLN A 676 9.09 -22.63 14.43
CA GLN A 676 8.58 -23.09 13.15
C GLN A 676 9.61 -23.98 12.44
N ILE A 677 10.86 -23.54 12.38
CA ILE A 677 11.88 -24.32 11.68
C ILE A 677 12.20 -25.59 12.48
N GLU A 678 12.17 -25.51 13.81
CA GLU A 678 12.38 -26.72 14.62
C GLU A 678 11.29 -27.75 14.32
N ARG A 679 10.04 -27.31 14.19
CA ARG A 679 8.98 -28.22 13.80
C ARG A 679 9.20 -28.76 12.39
N TYR A 680 9.64 -27.90 11.47
CA TYR A 680 9.83 -28.32 10.09
C TYR A 680 10.91 -29.39 9.97
N TYR A 681 12.00 -29.25 10.71
CA TYR A 681 13.16 -30.13 10.54
C TYR A 681 12.79 -31.57 10.85
N GLU A 682 12.41 -31.85 12.09
CA GLU A 682 12.06 -33.22 12.48
C GLU A 682 10.81 -33.73 11.77
N ALA A 683 10.05 -32.85 11.14
CA ALA A 683 8.85 -33.30 10.43
C ALA A 683 9.20 -34.23 9.27
N CYS A 684 10.26 -33.92 8.54
CA CYS A 684 10.59 -34.67 7.33
C CYS A 684 12.02 -35.17 7.26
N CYS A 685 12.95 -34.62 8.04
CA CYS A 685 14.34 -35.10 7.98
C CYS A 685 14.48 -36.55 8.42
N PRO A 686 13.93 -36.99 9.56
CA PRO A 686 14.14 -38.40 9.91
C PRO A 686 13.27 -39.36 9.09
N CYS A 692 21.59 -30.80 15.64
CA CYS A 692 21.95 -30.75 17.05
C CYS A 692 21.94 -29.31 17.58
N SER A 693 22.05 -28.36 16.66
CA SER A 693 22.04 -26.95 16.99
C SER A 693 21.25 -26.20 15.94
N ALA A 694 20.89 -24.96 16.27
CA ALA A 694 20.04 -24.17 15.37
C ALA A 694 20.73 -23.89 14.04
N ASN A 695 22.00 -23.50 14.07
CA ASN A 695 22.68 -23.09 12.84
C ASN A 695 22.90 -24.27 11.89
N LYS A 696 23.37 -25.40 12.42
CA LYS A 696 23.53 -26.57 11.57
C LYS A 696 22.18 -27.08 11.06
N ARG A 697 21.14 -26.97 11.87
CA ARG A 697 19.80 -27.32 11.41
C ARG A 697 19.38 -26.45 10.23
N ARG A 698 19.61 -25.14 10.34
CA ARG A 698 19.27 -24.24 9.24
C ARG A 698 20.07 -24.58 7.99
N GLU A 699 21.36 -24.87 8.14
CA GLU A 699 22.19 -25.17 6.98
C GLU A 699 21.75 -26.46 6.30
N LYS A 700 21.47 -27.50 7.08
CA LYS A 700 21.03 -28.75 6.49
C LYS A 700 19.67 -28.59 5.83
N LEU A 701 18.77 -27.83 6.45
CA LEU A 701 17.47 -27.59 5.84
C LEU A 701 17.59 -26.85 4.52
N ALA A 702 18.48 -25.84 4.47
CA ALA A 702 18.70 -25.12 3.23
C ALA A 702 19.27 -26.03 2.15
N ASP A 703 20.22 -26.88 2.51
CA ASP A 703 20.79 -27.81 1.53
C ASP A 703 19.73 -28.77 1.02
N MET A 704 18.86 -29.25 1.92
CA MET A 704 17.78 -30.14 1.50
C MET A 704 16.81 -29.43 0.58
N ILE A 705 16.54 -28.14 0.85
CA ILE A 705 15.67 -27.35 -0.02
C ILE A 705 16.28 -27.21 -1.40
N ALA A 706 17.58 -26.94 -1.47
CA ALA A 706 18.23 -26.66 -2.74
C ALA A 706 18.16 -27.85 -3.69
N GLU A 707 18.36 -29.06 -3.18
CA GLU A 707 18.43 -30.26 -4.01
C GLU A 707 17.11 -31.02 -4.00
N ILE A 708 15.98 -30.31 -3.98
CA ILE A 708 14.68 -30.97 -4.00
C ILE A 708 14.50 -31.68 -5.33
N LYS A 709 14.05 -32.94 -5.28
CA LYS A 709 13.97 -33.76 -6.47
C LYS A 709 12.86 -34.78 -6.30
N PHE A 710 12.23 -35.15 -7.41
CA PHE A 710 11.17 -36.15 -7.41
C PHE A 710 11.28 -37.00 -8.67
N GLU A 711 10.65 -38.17 -8.62
CA GLU A 711 10.65 -39.07 -9.77
C GLU A 711 9.45 -40.02 -9.70
N ASN A 737 7.01 -39.47 2.93
CA ASN A 737 6.80 -38.19 3.60
C ASN A 737 7.46 -37.05 2.82
N GLN A 738 6.63 -36.15 2.29
CA GLN A 738 7.10 -35.06 1.43
C GLN A 738 6.43 -33.75 1.83
N ALA A 739 6.46 -33.43 3.13
CA ALA A 739 5.91 -32.19 3.63
C ALA A 739 6.86 -31.01 3.47
N ILE A 740 7.99 -31.20 2.77
CA ILE A 740 8.97 -30.14 2.59
C ILE A 740 8.46 -29.07 1.62
N ILE A 741 7.43 -29.39 0.84
CA ILE A 741 6.96 -28.50 -0.22
C ILE A 741 6.53 -27.16 0.36
N ARG A 742 5.89 -27.18 1.54
CA ARG A 742 5.37 -25.95 2.12
C ARG A 742 6.49 -24.95 2.40
N LEU A 743 7.61 -25.42 2.95
CA LEU A 743 8.72 -24.53 3.27
C LEU A 743 9.31 -23.91 2.01
N TYR A 744 9.41 -24.70 0.94
CA TYR A 744 9.98 -24.19 -0.32
C TYR A 744 9.15 -23.03 -0.84
N LEU A 745 7.83 -23.24 -0.94
CA LEU A 745 6.95 -22.18 -1.42
C LEU A 745 6.98 -20.98 -0.50
N THR A 746 7.02 -21.22 0.82
CA THR A 746 7.07 -20.11 1.77
C THR A 746 8.30 -19.26 1.55
N VAL A 747 9.47 -19.90 1.44
CA VAL A 747 10.72 -19.15 1.33
C VAL A 747 10.79 -18.44 -0.02
N MET A 748 10.30 -19.09 -1.08
CA MET A 748 10.25 -18.44 -2.39
C MET A 748 9.38 -17.19 -2.32
N TYR A 749 8.19 -17.32 -1.70
CA TYR A 749 7.28 -16.19 -1.62
C TYR A 749 7.89 -15.04 -0.85
N ILE A 750 8.48 -15.31 0.32
CA ILE A 750 8.97 -14.21 1.13
C ILE A 750 10.14 -13.52 0.44
N MET A 751 11.08 -14.30 -0.13
CA MET A 751 12.23 -13.65 -0.73
C MET A 751 11.84 -12.86 -1.97
N LEU A 752 10.95 -13.41 -2.81
CA LEU A 752 10.50 -12.65 -3.98
C LEU A 752 9.75 -11.40 -3.58
N LYS A 753 8.88 -11.48 -2.57
CA LYS A 753 8.13 -10.31 -2.13
C LYS A 753 9.07 -9.24 -1.60
N ASN A 754 10.08 -9.63 -0.82
CA ASN A 754 11.00 -8.64 -0.28
C ASN A 754 11.86 -8.02 -1.37
N LEU A 755 12.29 -8.81 -2.36
CA LEU A 755 13.06 -8.25 -3.46
C LEU A 755 12.21 -7.27 -4.26
N VAL A 756 10.94 -7.58 -4.46
CA VAL A 756 10.05 -6.64 -5.14
C VAL A 756 9.88 -5.37 -4.31
N ASN A 757 9.73 -5.52 -3.00
CA ASN A 757 9.53 -4.36 -2.14
C ASN A 757 10.74 -3.45 -2.13
N VAL A 758 11.95 -4.02 -2.15
CA VAL A 758 13.15 -3.20 -2.14
C VAL A 758 13.23 -2.35 -3.40
N ASN A 759 12.90 -2.93 -4.56
CA ASN A 759 12.89 -2.18 -5.80
C ASN A 759 11.85 -1.07 -5.78
N ALA A 760 10.81 -1.23 -4.96
CA ALA A 760 9.75 -0.23 -4.94
C ALA A 760 10.24 1.13 -4.46
N ARG A 761 11.27 1.15 -3.61
CA ARG A 761 11.78 2.42 -3.11
C ARG A 761 12.36 3.28 -4.22
N TYR A 762 13.11 2.65 -5.14
CA TYR A 762 13.77 3.42 -6.19
C TYR A 762 12.76 3.95 -7.20
N VAL A 763 11.64 3.27 -7.40
CA VAL A 763 10.57 3.82 -8.22
C VAL A 763 10.06 5.13 -7.61
N ILE A 764 9.92 5.15 -6.27
CA ILE A 764 9.49 6.36 -5.60
C ILE A 764 10.50 7.48 -5.82
N ALA A 765 11.80 7.16 -5.71
CA ALA A 765 12.83 8.17 -5.91
C ALA A 765 12.81 8.73 -7.33
N PHE A 766 12.67 7.84 -8.32
CA PHE A 766 12.66 8.32 -9.71
C PHE A 766 11.41 9.15 -10.00
N HIS A 767 10.27 8.76 -9.44
CA HIS A 767 9.07 9.58 -9.58
C HIS A 767 9.25 10.94 -8.95
N CYS A 768 9.87 10.98 -7.76
CA CYS A 768 10.12 12.26 -7.12
C CYS A 768 11.06 13.12 -7.95
N VAL A 769 12.06 12.51 -8.57
CA VAL A 769 12.96 13.26 -9.45
C VAL A 769 12.21 13.83 -10.64
N GLU A 770 11.35 13.01 -11.26
CA GLU A 770 10.60 13.46 -12.43
C GLU A 770 9.63 14.58 -12.07
N ARG A 771 9.11 14.58 -10.85
CA ARG A 771 8.29 15.71 -10.41
C ARG A 771 9.14 16.94 -10.12
N ASP A 772 10.27 16.74 -9.45
CA ASP A 772 11.07 17.86 -8.98
C ASP A 772 11.74 18.60 -10.13
N THR A 773 12.08 17.91 -11.21
CA THR A 773 12.70 18.62 -12.33
C THR A 773 11.73 19.65 -12.91
N LYS A 774 10.48 19.26 -13.12
CA LYS A 774 9.49 20.22 -13.61
C LYS A 774 9.21 21.31 -12.57
N LEU A 775 9.14 20.94 -11.29
CA LEU A 775 8.89 21.94 -10.27
C LEU A 775 10.00 22.99 -10.24
N TYR A 776 11.25 22.56 -10.32
CA TYR A 776 12.37 23.50 -10.31
C TYR A 776 12.41 24.32 -11.59
N ALA A 777 12.05 23.71 -12.73
CA ALA A 777 11.98 24.48 -13.98
C ALA A 777 10.95 25.59 -13.86
N GLU A 778 9.79 25.29 -13.26
CA GLU A 778 8.81 26.34 -13.01
C GLU A 778 9.31 27.34 -11.99
N SER A 779 10.18 26.91 -11.08
CA SER A 779 10.72 27.81 -10.07
C SER A 779 11.61 28.91 -10.66
N GLY A 780 12.17 28.68 -11.84
CA GLY A 780 13.06 29.64 -12.46
C GLY A 780 14.49 29.17 -12.62
N LEU A 781 14.80 27.92 -12.30
CA LEU A 781 16.14 27.38 -12.46
C LEU A 781 16.27 26.73 -13.84
N GLU A 782 17.45 26.87 -14.43
CA GLU A 782 17.72 26.30 -15.76
C GLU A 782 18.10 24.83 -15.61
N VAL A 783 17.08 24.00 -15.37
CA VAL A 783 17.31 22.58 -15.19
C VAL A 783 17.71 21.92 -16.51
N GLY A 784 17.24 22.44 -17.63
CA GLY A 784 17.53 21.83 -18.91
C GLY A 784 16.75 20.54 -19.12
N ASN A 785 17.17 19.81 -20.14
CA ASN A 785 16.53 18.54 -20.46
C ASN A 785 16.74 17.53 -19.33
N ILE A 786 15.74 16.68 -19.13
CA ILE A 786 15.75 15.72 -18.03
C ILE A 786 15.82 14.29 -18.54
N GLU A 787 15.11 13.97 -19.63
CA GLU A 787 15.07 12.60 -20.11
C GLU A 787 16.43 12.14 -20.63
N LYS A 788 17.14 13.01 -21.34
CA LYS A 788 18.42 12.62 -21.93
C LYS A 788 19.44 12.27 -20.86
N ASN A 789 19.48 13.05 -19.78
CA ASN A 789 20.42 12.80 -18.69
C ASN A 789 19.73 13.19 -17.39
N LYS A 790 19.37 12.19 -16.59
CA LYS A 790 18.63 12.45 -15.35
C LYS A 790 19.52 12.86 -14.19
N THR A 791 20.82 13.04 -14.41
CA THR A 791 21.65 13.69 -13.41
C THR A 791 21.54 15.21 -13.48
N ASN A 792 20.80 15.74 -14.46
CA ASN A 792 20.71 17.19 -14.64
C ASN A 792 20.05 17.87 -13.45
N LEU A 793 19.19 17.16 -12.72
CA LEU A 793 18.55 17.76 -11.56
C LEU A 793 19.58 18.12 -10.48
N THR A 794 20.40 17.16 -10.10
CA THR A 794 21.39 17.43 -9.05
C THR A 794 22.51 18.33 -9.56
N MET A 795 22.73 18.39 -10.87
CA MET A 795 23.74 19.30 -11.40
C MET A 795 23.25 20.74 -11.39
N ALA A 796 21.98 20.97 -11.73
CA ALA A 796 21.45 22.32 -11.75
C ALA A 796 21.36 22.91 -10.35
N VAL A 797 21.02 22.07 -9.37
CA VAL A 797 20.95 22.55 -7.99
C VAL A 797 22.33 22.99 -7.50
N MET A 798 23.36 22.23 -7.84
CA MET A 798 24.71 22.52 -7.38
C MET A 798 25.32 23.73 -8.07
N GLY A 799 24.74 24.21 -9.16
CA GLY A 799 25.32 25.32 -9.89
C GLY A 799 26.48 24.95 -10.78
N VAL A 800 26.67 23.66 -11.06
CA VAL A 800 27.72 23.20 -11.96
C VAL A 800 27.09 22.81 -13.29
N LYS A 801 27.81 23.09 -14.38
CA LYS A 801 27.32 22.81 -15.72
C LYS A 801 28.25 21.83 -16.41
N LEU A 802 27.67 20.80 -17.03
CA LEU A 802 28.45 19.78 -17.70
C LEU A 802 29.15 20.37 -18.92
N GLU A 803 30.42 20.02 -19.09
CA GLU A 803 31.22 20.53 -20.20
C GLU A 803 31.97 19.37 -20.86
N ASN A 804 31.64 19.10 -22.11
CA ASN A 804 32.38 18.14 -22.94
C ASN A 804 32.47 16.76 -22.29
N GLY A 805 31.37 16.34 -21.65
CA GLY A 805 31.26 15.01 -21.11
C GLY A 805 31.82 14.82 -19.70
N ILE A 806 32.43 15.85 -19.12
CA ILE A 806 33.03 15.73 -17.80
C ILE A 806 32.66 16.96 -16.97
N ILE A 807 32.79 16.82 -15.66
CA ILE A 807 32.58 17.93 -14.73
C ILE A 807 33.93 18.59 -14.53
N LYS A 808 34.12 19.75 -15.16
CA LYS A 808 35.43 20.38 -15.17
C LYS A 808 35.76 21.02 -13.83
N THR A 809 34.80 21.70 -13.22
CA THR A 809 35.07 22.49 -12.02
C THR A 809 35.39 21.60 -10.83
N GLU A 810 36.30 22.07 -9.98
CA GLU A 810 36.63 21.40 -8.74
C GLU A 810 35.83 22.02 -7.59
N PHE A 811 35.93 21.40 -6.42
CA PHE A 811 35.15 21.85 -5.28
C PHE A 811 35.68 23.18 -4.75
N ASP A 812 34.77 24.05 -4.35
CA ASP A 812 35.11 25.30 -3.70
C ASP A 812 34.01 25.65 -2.71
N LYS A 813 34.40 26.21 -1.57
CA LYS A 813 33.44 26.49 -0.51
C LYS A 813 32.40 27.52 -0.93
N SER A 814 32.74 28.41 -1.86
CA SER A 814 31.81 29.44 -2.28
C SER A 814 30.58 28.84 -2.98
N PHE A 815 30.75 27.67 -3.61
CA PHE A 815 29.62 27.04 -4.30
C PHE A 815 28.56 26.58 -3.31
N ALA A 816 28.95 26.24 -2.08
CA ALA A 816 27.99 25.76 -1.10
C ALA A 816 26.99 26.85 -0.72
N GLU A 817 27.45 28.10 -0.59
CA GLU A 817 26.58 29.18 -0.16
C GLU A 817 25.53 29.54 -1.21
N ASN A 818 25.68 29.08 -2.44
CA ASN A 818 24.75 29.39 -3.52
C ASN A 818 23.98 28.15 -3.98
N ALA A 819 23.78 27.19 -3.09
CA ALA A 819 23.01 26.00 -3.42
C ALA A 819 21.55 26.36 -3.64
N ALA A 820 20.90 25.63 -4.56
CA ALA A 820 19.52 25.91 -4.88
C ALA A 820 18.56 25.50 -3.77
N ASN A 821 19.01 24.68 -2.82
CA ASN A 821 18.17 24.27 -1.70
C ASN A 821 19.03 24.16 -0.45
N ARG A 822 18.35 24.09 0.70
CA ARG A 822 19.05 24.07 1.98
C ARG A 822 19.82 22.77 2.22
N TYR A 823 19.56 21.73 1.43
CA TYR A 823 20.25 20.46 1.65
C TYR A 823 21.73 20.57 1.31
N LEU A 824 22.06 21.22 0.21
CA LEU A 824 23.43 21.28 -0.28
C LEU A 824 24.20 22.46 0.28
N ARG A 825 23.62 23.19 1.24
CA ARG A 825 24.34 24.31 1.86
C ARG A 825 25.56 23.82 2.62
N ASN A 826 25.45 22.69 3.32
CA ASN A 826 26.58 22.18 4.07
C ASN A 826 27.68 21.72 3.11
N ALA A 827 28.93 21.98 3.49
CA ALA A 827 30.04 21.78 2.58
C ALA A 827 30.39 20.31 2.39
N ARG A 828 30.35 19.52 3.47
CA ARG A 828 30.87 18.16 3.40
C ARG A 828 30.07 17.31 2.41
N TRP A 829 28.75 17.33 2.52
CA TRP A 829 27.93 16.52 1.64
C TRP A 829 27.94 17.04 0.21
N TYR A 830 28.06 18.36 0.04
CA TYR A 830 28.24 18.92 -1.29
C TYR A 830 29.49 18.36 -1.95
N LYS A 831 30.60 18.35 -1.21
CA LYS A 831 31.85 17.83 -1.76
C LYS A 831 31.75 16.34 -2.04
N LEU A 832 31.09 15.60 -1.16
CA LEU A 832 30.91 14.16 -1.38
C LEU A 832 30.11 13.91 -2.66
N ILE A 833 29.01 14.63 -2.84
CA ILE A 833 28.20 14.48 -4.04
C ILE A 833 28.99 14.84 -5.28
N LEU A 834 29.74 15.94 -5.22
CA LEU A 834 30.53 16.34 -6.38
C LEU A 834 31.58 15.30 -6.73
N ASP A 835 32.24 14.74 -5.72
CA ASP A 835 33.23 13.70 -5.97
C ASP A 835 32.59 12.46 -6.57
N ASN A 836 31.41 12.07 -6.08
CA ASN A 836 30.74 10.89 -6.63
C ASN A 836 30.18 11.15 -8.01
N LEU A 837 29.85 12.41 -8.32
CA LEU A 837 29.25 12.72 -9.62
C LEU A 837 30.23 12.49 -10.76
N LYS A 838 31.52 12.75 -10.54
CA LYS A 838 32.52 12.58 -11.58
C LYS A 838 32.65 11.12 -12.01
N LYS A 839 32.23 10.18 -11.17
CA LYS A 839 32.32 8.76 -11.48
C LYS A 839 31.05 8.20 -12.11
N SER A 840 30.04 9.03 -12.32
CA SER A 840 28.78 8.58 -12.89
C SER A 840 28.78 8.74 -14.41
N GLU A 841 28.01 7.90 -15.07
CA GLU A 841 27.87 7.94 -16.52
C GLU A 841 26.40 7.99 -16.89
N ARG A 842 26.08 8.76 -17.93
CA ARG A 842 24.67 8.93 -18.30
C ARG A 842 24.04 7.62 -18.77
N ALA A 843 24.79 6.82 -19.54
CA ALA A 843 24.23 5.57 -20.05
C ALA A 843 23.94 4.60 -18.91
N VAL A 844 24.83 4.50 -17.94
CA VAL A 844 24.62 3.59 -16.82
C VAL A 844 23.40 4.01 -16.02
N VAL A 845 23.24 5.31 -15.77
CA VAL A 845 22.09 5.80 -15.02
C VAL A 845 20.81 5.56 -15.81
N ASN A 846 20.85 5.76 -17.12
CA ASN A 846 19.67 5.52 -17.94
C ASN A 846 19.25 4.06 -17.87
N GLU A 847 20.22 3.15 -17.98
CA GLU A 847 19.90 1.72 -17.90
C GLU A 847 19.40 1.34 -16.51
N PHE A 848 19.96 1.95 -15.46
CA PHE A 848 19.47 1.70 -14.11
C PHE A 848 18.02 2.14 -13.97
N ARG A 849 17.69 3.31 -14.53
CA ARG A 849 16.31 3.79 -14.50
C ARG A 849 15.38 2.82 -15.23
N ASN A 850 15.80 2.37 -16.42
CA ASN A 850 14.97 1.44 -17.19
C ASN A 850 14.77 0.13 -16.44
N THR A 851 15.83 -0.38 -15.81
CA THR A 851 15.72 -1.61 -15.04
C THR A 851 14.81 -1.42 -13.83
N VAL A 852 14.87 -0.27 -13.19
CA VAL A 852 14.05 -0.03 -12.00
C VAL A 852 12.58 0.00 -12.37
N CYS A 853 12.23 0.72 -13.45
CA CYS A 853 10.81 0.83 -13.81
C CYS A 853 10.26 -0.49 -14.34
N HIS A 854 11.01 -1.17 -15.20
CA HIS A 854 10.51 -2.42 -15.78
C HIS A 854 10.72 -3.62 -14.86
N LEU A 855 11.41 -3.43 -13.73
CA LEU A 855 11.70 -4.53 -12.79
C LEU A 855 12.40 -5.68 -13.48
N ASN A 856 13.31 -5.37 -14.39
CA ASN A 856 14.04 -6.41 -15.11
C ASN A 856 15.01 -7.16 -14.21
N ALA A 857 15.37 -6.59 -13.06
CA ALA A 857 16.24 -7.31 -12.13
C ALA A 857 15.56 -8.56 -11.60
N ILE A 858 14.27 -8.46 -11.27
CA ILE A 858 13.53 -9.62 -10.78
C ILE A 858 13.09 -10.51 -11.94
N ARG A 859 12.70 -9.92 -13.06
CA ARG A 859 12.23 -10.69 -14.21
C ARG A 859 13.31 -11.59 -14.77
N ASN A 860 14.58 -11.28 -14.53
CA ASN A 860 15.70 -12.12 -14.94
C ASN A 860 16.52 -12.56 -13.75
N ILE A 861 15.83 -13.01 -12.69
CA ILE A 861 16.52 -13.41 -11.48
C ILE A 861 17.32 -14.69 -11.69
N ASN A 862 16.87 -15.56 -12.59
CA ASN A 862 17.53 -16.86 -12.77
C ASN A 862 18.92 -16.75 -13.36
N ILE A 863 19.31 -15.59 -13.87
CA ILE A 863 20.63 -15.38 -14.44
C ILE A 863 21.49 -14.47 -13.60
N ASN A 864 20.88 -13.43 -13.00
CA ASN A 864 21.63 -12.45 -12.25
C ASN A 864 22.05 -12.91 -10.86
N ILE A 865 21.58 -14.07 -10.42
CA ILE A 865 21.92 -14.60 -9.10
C ILE A 865 22.76 -15.87 -9.23
N LYS A 866 23.33 -16.12 -10.41
CA LYS A 866 23.97 -17.39 -10.68
C LYS A 866 25.17 -17.64 -9.78
N GLU A 867 25.99 -16.63 -9.55
CA GLU A 867 27.29 -16.82 -8.90
C GLU A 867 27.47 -15.87 -7.73
N ILE A 868 26.48 -15.79 -6.85
CA ILE A 868 26.64 -15.05 -5.60
C ILE A 868 27.36 -15.94 -4.60
N LYS A 869 28.11 -15.33 -3.68
CA LYS A 869 28.86 -16.10 -2.70
C LYS A 869 28.22 -16.05 -1.32
N GLU A 870 28.00 -14.85 -0.78
CA GLU A 870 27.49 -14.70 0.56
C GLU A 870 26.74 -13.38 0.64
N VAL A 871 25.42 -13.45 0.87
CA VAL A 871 24.59 -12.26 0.98
C VAL A 871 24.35 -11.98 2.46
N GLU A 872 24.20 -10.70 2.78
CA GLU A 872 24.03 -10.27 4.16
C GLU A 872 22.71 -9.59 4.45
N ASN A 873 22.03 -9.06 3.44
CA ASN A 873 20.68 -8.52 3.62
C ASN A 873 20.04 -8.39 2.24
N TYR A 874 18.74 -8.07 2.26
CA TYR A 874 17.98 -7.94 1.03
C TYR A 874 18.49 -6.80 0.16
N PHE A 875 18.98 -5.73 0.80
CA PHE A 875 19.60 -4.64 0.08
C PHE A 875 20.77 -5.13 -0.76
N ALA A 876 21.65 -5.93 -0.15
CA ALA A 876 22.81 -6.44 -0.87
C ALA A 876 22.39 -7.36 -2.00
N LEU A 877 21.38 -8.20 -1.77
CA LEU A 877 20.92 -9.11 -2.82
C LEU A 877 20.37 -8.34 -4.02
N TYR A 878 19.50 -7.36 -3.76
CA TYR A 878 18.93 -6.58 -4.84
C TYR A 878 20.01 -5.82 -5.61
N HIS A 879 20.95 -5.22 -4.89
CA HIS A 879 21.97 -4.46 -5.61
C HIS A 879 22.93 -5.36 -6.37
N TYR A 880 23.21 -6.57 -5.85
CA TYR A 880 24.02 -7.50 -6.62
C TYR A 880 23.28 -7.92 -7.89
N LEU A 881 21.97 -8.11 -7.80
CA LEU A 881 21.18 -8.41 -9.00
C LEU A 881 21.34 -7.31 -10.03
N ILE A 882 21.23 -6.05 -9.58
CA ILE A 882 21.36 -4.92 -10.50
C ILE A 882 22.76 -4.87 -11.10
N GLN A 883 23.79 -5.08 -10.27
CA GLN A 883 25.15 -5.06 -10.77
C GLN A 883 25.36 -6.13 -11.84
N LYS A 884 24.87 -7.34 -11.59
CA LYS A 884 25.06 -8.42 -12.56
C LYS A 884 24.33 -8.11 -13.86
N HIS A 885 23.12 -7.55 -13.76
CA HIS A 885 22.39 -7.18 -14.97
C HIS A 885 23.15 -6.12 -15.77
N LEU A 886 23.66 -5.10 -15.09
CA LEU A 886 24.39 -4.04 -15.76
C LEU A 886 25.66 -4.59 -16.42
N GLU A 887 26.37 -5.49 -15.71
CA GLU A 887 27.56 -6.09 -16.29
C GLU A 887 27.23 -6.94 -17.50
N ASN A 888 26.11 -7.67 -17.44
CA ASN A 888 25.73 -8.52 -18.56
C ASN A 888 25.38 -7.70 -19.80
N ARG A 889 24.65 -6.60 -19.63
CA ARG A 889 24.24 -5.84 -20.81
C ARG A 889 25.39 -5.03 -21.41
N PHE A 890 26.23 -4.44 -20.57
CA PHE A 890 27.32 -3.60 -21.05
C PHE A 890 28.57 -4.40 -21.43
N ALA A 891 28.43 -5.69 -21.70
CA ALA A 891 29.60 -6.52 -21.96
C ALA A 891 30.18 -6.27 -23.36
N ASP A 892 29.37 -5.74 -24.28
CA ASP A 892 29.79 -5.58 -25.66
C ASP A 892 29.88 -4.12 -26.09
N LYS A 893 29.94 -3.19 -25.15
CA LYS A 893 30.00 -1.77 -25.46
C LYS A 893 31.16 -1.13 -24.70
N LYS A 894 31.85 -0.21 -25.38
CA LYS A 894 32.94 0.52 -24.75
C LYS A 894 32.41 1.41 -23.63
N VAL A 895 33.19 1.53 -22.56
CA VAL A 895 32.79 2.33 -21.40
C VAL A 895 34.04 2.96 -20.81
N GLU A 896 33.82 4.00 -20.00
CA GLU A 896 34.91 4.75 -19.40
C GLU A 896 35.51 3.97 -18.23
N ARG A 897 36.68 4.43 -17.78
CA ARG A 897 37.55 3.60 -16.94
C ARG A 897 36.91 3.24 -15.61
N ASP A 898 36.23 4.19 -14.97
CA ASP A 898 35.69 3.96 -13.63
C ASP A 898 34.66 2.85 -13.63
N THR A 899 33.81 2.80 -14.66
CA THR A 899 32.84 1.71 -14.74
C THR A 899 33.54 0.37 -14.92
N GLY A 900 34.61 0.35 -15.71
CA GLY A 900 35.39 -0.88 -15.84
C GLY A 900 35.99 -1.33 -14.52
N ASP A 901 36.50 -0.38 -13.74
CA ASP A 901 37.01 -0.72 -12.41
C ASP A 901 35.91 -1.27 -11.51
N PHE A 902 34.72 -0.65 -11.57
CA PHE A 902 33.61 -1.14 -10.77
C PHE A 902 33.23 -2.57 -11.17
N ILE A 903 33.21 -2.84 -12.47
CA ILE A 903 32.89 -4.18 -12.95
C ILE A 903 33.94 -5.17 -12.48
N SER A 904 35.22 -4.79 -12.56
CA SER A 904 36.29 -5.66 -12.10
C SER A 904 36.15 -5.96 -10.61
N LYS A 905 35.79 -4.95 -9.81
CA LYS A 905 35.57 -5.17 -8.39
C LYS A 905 34.38 -6.11 -8.16
N LEU A 906 33.31 -5.95 -8.95
CA LEU A 906 32.13 -6.76 -8.76
C LEU A 906 32.40 -8.23 -9.02
N GLU A 907 33.11 -8.54 -10.11
CA GLU A 907 33.30 -9.94 -10.49
C GLU A 907 34.24 -10.66 -9.53
N GLU A 908 35.32 -10.00 -9.11
CA GLU A 908 36.30 -10.68 -8.27
C GLU A 908 35.78 -10.90 -6.86
N HIS A 909 35.14 -9.89 -6.27
CA HIS A 909 34.63 -10.02 -4.91
C HIS A 909 33.40 -10.91 -4.83
N LYS A 910 32.73 -11.17 -5.96
CA LYS A 910 31.53 -11.99 -6.01
C LYS A 910 30.43 -11.45 -5.10
N THR A 911 30.40 -10.13 -4.92
CA THR A 911 29.38 -9.49 -4.10
C THR A 911 29.23 -8.05 -4.57
N TYR A 912 28.09 -7.45 -4.19
CA TYR A 912 27.79 -6.10 -4.64
C TYR A 912 28.82 -5.10 -4.12
N CYS A 913 29.19 -4.16 -4.97
CA CYS A 913 30.17 -3.14 -4.63
C CYS A 913 29.48 -1.96 -3.95
N LYS A 914 30.09 -1.46 -2.88
CA LYS A 914 29.51 -0.38 -2.10
C LYS A 914 29.83 1.00 -2.66
N ASP A 915 30.58 1.08 -3.76
CA ASP A 915 30.88 2.36 -4.39
C ASP A 915 30.08 2.60 -5.66
N PHE A 916 29.88 1.56 -6.48
CA PHE A 916 29.01 1.70 -7.64
C PHE A 916 27.59 2.04 -7.22
N VAL A 917 27.15 1.51 -6.08
CA VAL A 917 25.79 1.74 -5.61
C VAL A 917 25.53 3.22 -5.39
N LYS A 918 26.51 3.94 -4.85
CA LYS A 918 26.38 5.39 -4.73
C LYS A 918 26.82 6.12 -5.99
N ALA A 919 27.52 5.44 -6.89
CA ALA A 919 27.92 6.06 -8.14
C ALA A 919 26.73 6.28 -9.06
N TYR A 920 25.90 5.26 -9.25
CA TYR A 920 24.77 5.42 -10.17
C TYR A 920 23.49 5.88 -9.48
N CYS A 921 23.51 6.06 -8.17
CA CYS A 921 22.35 6.55 -7.43
C CYS A 921 22.37 8.07 -7.29
N THR A 922 23.26 8.74 -7.99
CA THR A 922 23.49 10.19 -7.89
C THR A 922 22.34 11.08 -8.38
N PRO A 923 21.44 10.66 -9.29
CA PRO A 923 20.36 11.58 -9.67
C PRO A 923 19.48 12.02 -8.52
N PHE A 924 19.36 11.22 -7.47
CA PHE A 924 18.64 11.61 -6.27
C PHE A 924 19.52 12.40 -5.30
N GLY A 925 20.59 13.01 -5.79
CA GLY A 925 21.52 13.72 -4.92
C GLY A 925 20.95 14.99 -4.32
N TYR A 926 19.98 15.63 -4.98
CA TYR A 926 19.41 16.85 -4.44
C TYR A 926 18.69 16.59 -3.13
N ASN A 927 18.14 15.39 -2.94
CA ASN A 927 17.54 14.99 -1.67
C ASN A 927 18.62 14.22 -0.91
N LEU A 928 19.35 14.94 -0.04
CA LEU A 928 20.48 14.33 0.65
C LEU A 928 20.04 13.19 1.54
N VAL A 929 18.92 13.36 2.25
CA VAL A 929 18.44 12.32 3.15
C VAL A 929 18.07 11.07 2.38
N ARG A 930 17.37 11.24 1.24
CA ARG A 930 17.04 10.08 0.43
C ARG A 930 18.29 9.42 -0.13
N TYR A 931 19.27 10.23 -0.53
CA TYR A 931 20.54 9.68 -1.01
C TYR A 931 21.17 8.79 0.05
N LYS A 932 21.31 9.31 1.27
CA LYS A 932 21.94 8.54 2.34
C LYS A 932 21.15 7.28 2.67
N ASN A 933 19.82 7.39 2.69
CA ASN A 933 19.01 6.22 3.02
C ASN A 933 19.11 5.16 1.93
N LEU A 934 19.22 5.57 0.67
CA LEU A 934 19.19 4.64 -0.43
C LEU A 934 20.57 4.12 -0.83
N THR A 935 21.65 4.66 -0.28
CA THR A 935 22.98 4.17 -0.64
C THR A 935 23.79 3.61 0.52
N ILE A 936 23.40 3.85 1.76
CA ILE A 936 24.13 3.35 2.91
C ILE A 936 23.37 2.17 3.50
N ASP A 937 24.03 1.01 3.54
CA ASP A 937 23.42 -0.18 4.10
C ASP A 937 23.25 0.01 5.60
N GLY A 938 22.05 -0.30 6.11
CA GLY A 938 21.71 -0.13 7.50
C GLY A 938 20.83 1.09 7.75
N LEU A 939 20.92 2.10 6.90
CA LEU A 939 20.03 3.24 6.94
C LEU A 939 18.86 3.09 5.97
N PHE A 940 18.76 1.96 5.29
CA PHE A 940 17.76 1.77 4.25
C PHE A 940 16.49 1.11 4.77
N ASP A 941 16.62 0.12 5.65
CA ASP A 941 15.48 -0.64 6.15
C ASP A 941 15.07 -0.09 7.51
N LYS A 942 13.77 0.20 7.66
CA LYS A 942 13.28 0.72 8.92
C LYS A 942 13.41 -0.31 10.03
N ASN A 943 13.19 -1.59 9.71
CA ASN A 943 13.20 -2.64 10.73
C ASN A 943 14.60 -3.17 11.05
N TYR A 944 15.62 -2.77 10.29
CA TYR A 944 16.98 -3.24 10.51
C TYR A 944 17.93 -2.04 10.53
N PRO A 945 17.95 -1.30 11.63
CA PRO A 945 18.92 -0.20 11.74
C PRO A 945 20.36 -0.72 11.76
N GLY A 946 21.27 0.11 11.26
CA GLY A 946 22.67 -0.26 11.18
C GLY A 946 23.56 0.95 11.34
N LYS A 947 24.87 0.69 11.40
CA LYS A 947 25.84 1.74 11.57
C LYS A 947 26.05 2.51 10.28
N ASP A 948 26.62 3.71 10.41
CA ASP A 948 26.87 4.59 9.27
C ASP A 948 28.37 4.69 9.01
N ASP A 949 28.73 4.76 7.73
CA ASP A 949 30.14 4.85 7.36
C ASP A 949 30.73 6.20 7.77
N SER A 950 32.06 6.21 7.93
CA SER A 950 32.81 7.40 8.30
C SER A 950 32.29 8.04 9.59
#